data_2RO2
# 
_entry.id   2RO2 
# 
_audit_conform.dict_name       mmcif_pdbx.dic 
_audit_conform.dict_version    5.392 
_audit_conform.dict_location   http://mmcif.pdb.org/dictionaries/ascii/mmcif_pdbx.dic 
# 
loop_
_database_2.database_id 
_database_2.database_code 
_database_2.pdbx_database_accession 
_database_2.pdbx_DOI 
PDB   2RO2         pdb_00002ro2 10.2210/pdb2ro2/pdb 
RCSB  RCSB150080   ?            ?                   
WWPDB D_1000150080 ?            ?                   
# 
loop_
_pdbx_audit_revision_history.ordinal 
_pdbx_audit_revision_history.data_content_type 
_pdbx_audit_revision_history.major_revision 
_pdbx_audit_revision_history.minor_revision 
_pdbx_audit_revision_history.revision_date 
1 'Structure model' 1 0 2008-12-30 
2 'Structure model' 1 1 2011-07-13 
3 'Structure model' 1 2 2022-03-16 
4 'Structure model' 1 3 2024-05-29 
# 
_pdbx_audit_revision_details.ordinal             1 
_pdbx_audit_revision_details.revision_ordinal    1 
_pdbx_audit_revision_details.data_content_type   'Structure model' 
_pdbx_audit_revision_details.provider            repository 
_pdbx_audit_revision_details.type                'Initial release' 
_pdbx_audit_revision_details.description         ? 
_pdbx_audit_revision_details.details             ? 
# 
loop_
_pdbx_audit_revision_group.ordinal 
_pdbx_audit_revision_group.revision_ordinal 
_pdbx_audit_revision_group.data_content_type 
_pdbx_audit_revision_group.group 
1 2 'Structure model' 'Version format compliance' 
2 3 'Structure model' 'Data collection'           
3 3 'Structure model' 'Database references'       
4 3 'Structure model' 'Derived calculations'      
5 4 'Structure model' 'Data collection'           
# 
loop_
_pdbx_audit_revision_category.ordinal 
_pdbx_audit_revision_category.revision_ordinal 
_pdbx_audit_revision_category.data_content_type 
_pdbx_audit_revision_category.category 
1 3 'Structure model' database_2            
2 3 'Structure model' pdbx_nmr_software     
3 3 'Structure model' pdbx_nmr_spectrometer 
4 3 'Structure model' pdbx_struct_assembly  
5 3 'Structure model' pdbx_struct_oper_list 
6 4 'Structure model' chem_comp_atom        
7 4 'Structure model' chem_comp_bond        
# 
loop_
_pdbx_audit_revision_item.ordinal 
_pdbx_audit_revision_item.revision_ordinal 
_pdbx_audit_revision_item.data_content_type 
_pdbx_audit_revision_item.item 
1 3 'Structure model' '_database_2.pdbx_DOI'                
2 3 'Structure model' '_database_2.pdbx_database_accession' 
3 3 'Structure model' '_pdbx_nmr_software.name'             
4 3 'Structure model' '_pdbx_nmr_spectrometer.model'        
# 
_pdbx_database_status.deposit_site                    BMRB 
_pdbx_database_status.entry_id                        2RO2 
_pdbx_database_status.process_site                    PDBJ 
_pdbx_database_status.recvd_initial_deposition_date   2008-03-05 
_pdbx_database_status.SG_entry                        . 
_pdbx_database_status.status_code                     REL 
_pdbx_database_status.status_code_mr                  REL 
_pdbx_database_status.status_code_sf                  ? 
_pdbx_database_status.pdb_format_compatible           Y 
_pdbx_database_status.status_code_cs                  ? 
_pdbx_database_status.status_code_nmr_data            ? 
_pdbx_database_status.methods_development_category    ? 
# 
loop_
_audit_author.name 
_audit_author.pdbx_ordinal 
'Gallego, J.'    1 
'Dufour, D.'     2 
'Gago, S.'       3 
'de la Pena, M.' 4 
'Flores, R.'     5 
# 
_citation.id                        primary 
_citation.title                     
;Structure-function analysis of the ribozymes of chrysanthemum chlorotic mottle viroid: a loop-loop interaction motif conserved in most natural hammerheads
;
_citation.journal_abbrev            'Nucleic Acids Res.' 
_citation.journal_volume            37 
_citation.page_first                368 
_citation.page_last                 381 
_citation.year                      2009 
_citation.journal_id_ASTM           NARHAD 
_citation.country                   UK 
_citation.journal_id_ISSN           0305-1048 
_citation.journal_id_CSD            0389 
_citation.book_publisher            ? 
_citation.pdbx_database_id_PubMed   19043070 
_citation.pdbx_database_id_DOI      10.1093/nar/gkn918 
# 
loop_
_citation_author.citation_id 
_citation_author.name 
_citation_author.ordinal 
_citation_author.identifier_ORCID 
primary 'Dufour, D.'     1 ? 
primary 'de la Pena, M.' 2 ? 
primary 'Gago, S.'       3 ? 
primary 'Flores, R.'     4 ? 
primary 'Gallego, J.'    5 ? 
# 
_entity.id                         1 
_entity.type                       polymer 
_entity.src_method                 syn 
_entity.pdbx_description           
;RNA (5'-R(*GP*GP*GP*AP*GP*AP*CP*CP*UP*GP*AP*AP*GP*UP*GP*GP*GP*UP*UP*UP*CP*CP*C)-3')
;
_entity.formula_weight             7435.457 
_entity.pdbx_number_of_molecules   1 
_entity.pdbx_ec                    ? 
_entity.pdbx_mutation              ? 
_entity.pdbx_fragment              ? 
_entity.details                    ? 
# 
_entity_poly.entity_id                      1 
_entity_poly.type                           polyribonucleotide 
_entity_poly.nstd_linkage                   no 
_entity_poly.nstd_monomer                   no 
_entity_poly.pdbx_seq_one_letter_code       GGGAGACCUGAAGUGGGUUUCCC 
_entity_poly.pdbx_seq_one_letter_code_can   GGGAGACCUGAAGUGGGUUUCCC 
_entity_poly.pdbx_strand_id                 A 
_entity_poly.pdbx_target_identifier         ? 
# 
loop_
_entity_poly_seq.entity_id 
_entity_poly_seq.num 
_entity_poly_seq.mon_id 
_entity_poly_seq.hetero 
1 1  G n 
1 2  G n 
1 3  G n 
1 4  A n 
1 5  G n 
1 6  A n 
1 7  C n 
1 8  C n 
1 9  U n 
1 10 G n 
1 11 A n 
1 12 A n 
1 13 G n 
1 14 U n 
1 15 G n 
1 16 G n 
1 17 G n 
1 18 U n 
1 19 U n 
1 20 U n 
1 21 C n 
1 22 C n 
1 23 C n 
# 
loop_
_chem_comp.id 
_chem_comp.type 
_chem_comp.mon_nstd_flag 
_chem_comp.name 
_chem_comp.pdbx_synonyms 
_chem_comp.formula 
_chem_comp.formula_weight 
A 'RNA linking' y "ADENOSINE-5'-MONOPHOSPHATE" ? 'C10 H14 N5 O7 P' 347.221 
C 'RNA linking' y "CYTIDINE-5'-MONOPHOSPHATE"  ? 'C9 H14 N3 O8 P'  323.197 
G 'RNA linking' y "GUANOSINE-5'-MONOPHOSPHATE" ? 'C10 H14 N5 O8 P' 363.221 
U 'RNA linking' y "URIDINE-5'-MONOPHOSPHATE"   ? 'C9 H13 N2 O9 P'  324.181 
# 
loop_
_pdbx_poly_seq_scheme.asym_id 
_pdbx_poly_seq_scheme.entity_id 
_pdbx_poly_seq_scheme.seq_id 
_pdbx_poly_seq_scheme.mon_id 
_pdbx_poly_seq_scheme.ndb_seq_num 
_pdbx_poly_seq_scheme.pdb_seq_num 
_pdbx_poly_seq_scheme.auth_seq_num 
_pdbx_poly_seq_scheme.pdb_mon_id 
_pdbx_poly_seq_scheme.auth_mon_id 
_pdbx_poly_seq_scheme.pdb_strand_id 
_pdbx_poly_seq_scheme.pdb_ins_code 
_pdbx_poly_seq_scheme.hetero 
A 1 1  G 1  1  1  G G A . n 
A 1 2  G 2  2  2  G G A . n 
A 1 3  G 3  3  3  G G A . n 
A 1 4  A 4  4  4  A A A . n 
A 1 5  G 5  5  5  G G A . n 
A 1 6  A 6  6  6  A A A . n 
A 1 7  C 7  7  7  C C A . n 
A 1 8  C 8  8  8  C C A . n 
A 1 9  U 9  9  9  U U A . n 
A 1 10 G 10 10 10 G G A . n 
A 1 11 A 11 11 11 A A A . n 
A 1 12 A 12 12 12 A A A . n 
A 1 13 G 13 13 13 G G A . n 
A 1 14 U 14 14 14 U U A . n 
A 1 15 G 15 15 15 G G A . n 
A 1 16 G 16 16 16 G G A . n 
A 1 17 G 17 17 17 G G A . n 
A 1 18 U 18 18 18 U U A . n 
A 1 19 U 19 19 19 U U A . n 
A 1 20 U 20 20 20 U U A . n 
A 1 21 C 21 21 21 C C A . n 
A 1 22 C 22 22 22 C C A . n 
A 1 23 C 23 23 23 C C A . n 
# 
_exptl.absorpt_coefficient_mu     ? 
_exptl.absorpt_correction_T_max   ? 
_exptl.absorpt_correction_T_min   ? 
_exptl.absorpt_correction_type    ? 
_exptl.absorpt_process_details    ? 
_exptl.crystals_number            ? 
_exptl.details                    ? 
_exptl.entry_id                   2RO2 
_exptl.method                     'SOLUTION NMR' 
_exptl.method_details             ? 
# 
_struct.entry_id                  2RO2 
_struct.title                     'Solution structure of domain I of the negative polarity CChMVd hammerhead ribozyme' 
_struct.pdbx_model_details        ? 
_struct.pdbx_CASP_flag            ? 
_struct.pdbx_model_type_details   'minimized average' 
# 
_struct_keywords.entry_id        2RO2 
_struct_keywords.pdbx_keywords   RNA 
_struct_keywords.text            'hammerhead ribozyme, viroid, CCHMVD, heptaloop, RNA' 
# 
_struct_asym.id                            A 
_struct_asym.pdbx_blank_PDB_chainid_flag   N 
_struct_asym.pdbx_modified                 N 
_struct_asym.entity_id                     1 
_struct_asym.details                       ? 
# 
_struct_ref.id                         1 
_struct_ref.db_name                    PDB 
_struct_ref.db_code                    2RO2 
_struct_ref.pdbx_db_accession          2RO2 
_struct_ref.entity_id                  1 
_struct_ref.pdbx_align_begin           1 
_struct_ref.pdbx_seq_one_letter_code   GGGAGACCUGAAGUGGGUUUCCC 
_struct_ref.pdbx_db_isoform            ? 
# 
_struct_ref_seq.align_id                      1 
_struct_ref_seq.ref_id                        1 
_struct_ref_seq.pdbx_PDB_id_code              2RO2 
_struct_ref_seq.pdbx_strand_id                A 
_struct_ref_seq.seq_align_beg                 1 
_struct_ref_seq.pdbx_seq_align_beg_ins_code   ? 
_struct_ref_seq.seq_align_end                 23 
_struct_ref_seq.pdbx_seq_align_end_ins_code   ? 
_struct_ref_seq.pdbx_db_accession             2RO2 
_struct_ref_seq.db_align_beg                  1 
_struct_ref_seq.pdbx_db_align_beg_ins_code    ? 
_struct_ref_seq.db_align_end                  23 
_struct_ref_seq.pdbx_db_align_end_ins_code    ? 
_struct_ref_seq.pdbx_auth_seq_align_beg       1 
_struct_ref_seq.pdbx_auth_seq_align_end       23 
# 
_pdbx_struct_assembly.id                   1 
_pdbx_struct_assembly.details              author_defined_assembly 
_pdbx_struct_assembly.method_details       ? 
_pdbx_struct_assembly.oligomeric_details   monomeric 
_pdbx_struct_assembly.oligomeric_count     1 
# 
_pdbx_struct_assembly_gen.assembly_id       1 
_pdbx_struct_assembly_gen.oper_expression   1 
_pdbx_struct_assembly_gen.asym_id_list      A 
# 
_pdbx_struct_oper_list.id                   1 
_pdbx_struct_oper_list.type                 'identity operation' 
_pdbx_struct_oper_list.name                 1_555 
_pdbx_struct_oper_list.symmetry_operation   x,y,z 
_pdbx_struct_oper_list.matrix[1][1]         1.0000000000 
_pdbx_struct_oper_list.matrix[1][2]         0.0000000000 
_pdbx_struct_oper_list.matrix[1][3]         0.0000000000 
_pdbx_struct_oper_list.vector[1]            0.0000000000 
_pdbx_struct_oper_list.matrix[2][1]         0.0000000000 
_pdbx_struct_oper_list.matrix[2][2]         1.0000000000 
_pdbx_struct_oper_list.matrix[2][3]         0.0000000000 
_pdbx_struct_oper_list.vector[2]            0.0000000000 
_pdbx_struct_oper_list.matrix[3][1]         0.0000000000 
_pdbx_struct_oper_list.matrix[3][2]         0.0000000000 
_pdbx_struct_oper_list.matrix[3][3]         1.0000000000 
_pdbx_struct_oper_list.vector[3]            0.0000000000 
# 
_struct_biol.id        1 
_struct_biol.details   ? 
# 
loop_
_struct_conn.id 
_struct_conn.conn_type_id 
_struct_conn.pdbx_leaving_atom_flag 
_struct_conn.pdbx_PDB_id 
_struct_conn.ptnr1_label_asym_id 
_struct_conn.ptnr1_label_comp_id 
_struct_conn.ptnr1_label_seq_id 
_struct_conn.ptnr1_label_atom_id 
_struct_conn.pdbx_ptnr1_label_alt_id 
_struct_conn.pdbx_ptnr1_PDB_ins_code 
_struct_conn.pdbx_ptnr1_standard_comp_id 
_struct_conn.ptnr1_symmetry 
_struct_conn.ptnr2_label_asym_id 
_struct_conn.ptnr2_label_comp_id 
_struct_conn.ptnr2_label_seq_id 
_struct_conn.ptnr2_label_atom_id 
_struct_conn.pdbx_ptnr2_label_alt_id 
_struct_conn.pdbx_ptnr2_PDB_ins_code 
_struct_conn.ptnr1_auth_asym_id 
_struct_conn.ptnr1_auth_comp_id 
_struct_conn.ptnr1_auth_seq_id 
_struct_conn.ptnr2_auth_asym_id 
_struct_conn.ptnr2_auth_comp_id 
_struct_conn.ptnr2_auth_seq_id 
_struct_conn.ptnr2_symmetry 
_struct_conn.pdbx_ptnr3_label_atom_id 
_struct_conn.pdbx_ptnr3_label_seq_id 
_struct_conn.pdbx_ptnr3_label_comp_id 
_struct_conn.pdbx_ptnr3_label_asym_id 
_struct_conn.pdbx_ptnr3_label_alt_id 
_struct_conn.pdbx_ptnr3_PDB_ins_code 
_struct_conn.details 
_struct_conn.pdbx_dist_value 
_struct_conn.pdbx_value_order 
_struct_conn.pdbx_role 
hydrog1  hydrog ? ? A G 1  N1 ? ? ? 1_555 A C 23 N3 ? ? A G 1  A C 23 1_555 ? ? ? ? ? ? WATSON-CRICK  ? ? ? 
hydrog2  hydrog ? ? A G 1  N2 ? ? ? 1_555 A C 23 O2 ? ? A G 1  A C 23 1_555 ? ? ? ? ? ? WATSON-CRICK  ? ? ? 
hydrog3  hydrog ? ? A G 1  O6 ? ? ? 1_555 A C 23 N4 ? ? A G 1  A C 23 1_555 ? ? ? ? ? ? WATSON-CRICK  ? ? ? 
hydrog4  hydrog ? ? A G 2  N1 ? ? ? 1_555 A C 22 N3 ? ? A G 2  A C 22 1_555 ? ? ? ? ? ? WATSON-CRICK  ? ? ? 
hydrog5  hydrog ? ? A G 2  N2 ? ? ? 1_555 A C 22 O2 ? ? A G 2  A C 22 1_555 ? ? ? ? ? ? WATSON-CRICK  ? ? ? 
hydrog6  hydrog ? ? A G 2  O6 ? ? ? 1_555 A C 22 N4 ? ? A G 2  A C 22 1_555 ? ? ? ? ? ? WATSON-CRICK  ? ? ? 
hydrog7  hydrog ? ? A G 3  N1 ? ? ? 1_555 A C 21 N3 ? ? A G 3  A C 21 1_555 ? ? ? ? ? ? WATSON-CRICK  ? ? ? 
hydrog8  hydrog ? ? A G 3  N2 ? ? ? 1_555 A C 21 O2 ? ? A G 3  A C 21 1_555 ? ? ? ? ? ? WATSON-CRICK  ? ? ? 
hydrog9  hydrog ? ? A G 3  O6 ? ? ? 1_555 A C 21 N4 ? ? A G 3  A C 21 1_555 ? ? ? ? ? ? WATSON-CRICK  ? ? ? 
hydrog10 hydrog ? ? A A 4  N1 ? ? ? 1_555 A U 20 N3 ? ? A A 4  A U 20 1_555 ? ? ? ? ? ? WATSON-CRICK  ? ? ? 
hydrog11 hydrog ? ? A A 4  N6 ? ? ? 1_555 A U 20 O4 ? ? A A 4  A U 20 1_555 ? ? ? ? ? ? WATSON-CRICK  ? ? ? 
hydrog12 hydrog ? ? A G 5  N1 ? ? ? 1_555 A U 19 O2 ? ? A G 5  A U 19 1_555 ? ? ? ? ? ? TYPE_28_PAIR  ? ? ? 
hydrog13 hydrog ? ? A G 5  O6 ? ? ? 1_555 A U 19 N3 ? ? A G 5  A U 19 1_555 ? ? ? ? ? ? TYPE_28_PAIR  ? ? ? 
hydrog14 hydrog ? ? A A 6  N1 ? ? ? 1_555 A U 18 N3 ? ? A A 6  A U 18 1_555 ? ? ? ? ? ? WATSON-CRICK  ? ? ? 
hydrog15 hydrog ? ? A A 6  N6 ? ? ? 1_555 A U 18 O4 ? ? A A 6  A U 18 1_555 ? ? ? ? ? ? WATSON-CRICK  ? ? ? 
hydrog16 hydrog ? ? A C 7  N3 ? ? ? 1_555 A G 17 N1 ? ? A C 7  A G 17 1_555 ? ? ? ? ? ? WATSON-CRICK  ? ? ? 
hydrog17 hydrog ? ? A C 7  N4 ? ? ? 1_555 A G 17 O6 ? ? A C 7  A G 17 1_555 ? ? ? ? ? ? WATSON-CRICK  ? ? ? 
hydrog18 hydrog ? ? A C 7  O2 ? ? ? 1_555 A G 17 N2 ? ? A C 7  A G 17 1_555 ? ? ? ? ? ? WATSON-CRICK  ? ? ? 
hydrog19 hydrog ? ? A C 8  N3 ? ? ? 1_555 A G 16 N1 ? ? A C 8  A G 16 1_555 ? ? ? ? ? ? WATSON-CRICK  ? ? ? 
hydrog20 hydrog ? ? A C 8  N4 ? ? ? 1_555 A G 16 O6 ? ? A C 8  A G 16 1_555 ? ? ? ? ? ? WATSON-CRICK  ? ? ? 
hydrog21 hydrog ? ? A C 8  O2 ? ? ? 1_555 A G 16 N2 ? ? A C 8  A G 16 1_555 ? ? ? ? ? ? WATSON-CRICK  ? ? ? 
hydrog22 hydrog ? ? A U 9  N3 ? ? ? 1_555 A G 15 O6 ? ? A U 9  A G 15 1_555 ? ? ? ? ? ? TYPE_28_PAIR  ? ? ? 
hydrog23 hydrog ? ? A U 9  O2 ? ? ? 1_555 A G 15 N1 ? ? A U 9  A G 15 1_555 ? ? ? ? ? ? TYPE_28_PAIR  ? ? ? 
hydrog24 hydrog ? ? A G 10 N2 ? ? ? 1_555 A G 13 N7 ? ? A G 10 A G 13 1_555 ? ? ? ? ? ? 'G-G MISPAIR' ? ? ? 
# 
_struct_conn_type.id          hydrog 
_struct_conn_type.criteria    ? 
_struct_conn_type.reference   ? 
# 
loop_
_pdbx_validate_rmsd_angle.id 
_pdbx_validate_rmsd_angle.PDB_model_num 
_pdbx_validate_rmsd_angle.auth_atom_id_1 
_pdbx_validate_rmsd_angle.auth_asym_id_1 
_pdbx_validate_rmsd_angle.auth_comp_id_1 
_pdbx_validate_rmsd_angle.auth_seq_id_1 
_pdbx_validate_rmsd_angle.PDB_ins_code_1 
_pdbx_validate_rmsd_angle.label_alt_id_1 
_pdbx_validate_rmsd_angle.auth_atom_id_2 
_pdbx_validate_rmsd_angle.auth_asym_id_2 
_pdbx_validate_rmsd_angle.auth_comp_id_2 
_pdbx_validate_rmsd_angle.auth_seq_id_2 
_pdbx_validate_rmsd_angle.PDB_ins_code_2 
_pdbx_validate_rmsd_angle.label_alt_id_2 
_pdbx_validate_rmsd_angle.auth_atom_id_3 
_pdbx_validate_rmsd_angle.auth_asym_id_3 
_pdbx_validate_rmsd_angle.auth_comp_id_3 
_pdbx_validate_rmsd_angle.auth_seq_id_3 
_pdbx_validate_rmsd_angle.PDB_ins_code_3 
_pdbx_validate_rmsd_angle.label_alt_id_3 
_pdbx_validate_rmsd_angle.angle_value 
_pdbx_validate_rmsd_angle.angle_target_value 
_pdbx_validate_rmsd_angle.angle_deviation 
_pdbx_validate_rmsd_angle.angle_standard_deviation 
_pdbx_validate_rmsd_angle.linker_flag 
1  1 C4    A A 4  ? ? C5    A A 4  ? ? C6    A A 4  ? ? 113.98 117.00 -3.02 0.50 N 
2  1 C5    A A 4  ? ? C6    A A 4  ? ? N1    A A 4  ? ? 121.10 117.70 3.40  0.50 N 
3  1 N1    A A 4  ? ? C6    A A 4  ? ? N6    A A 4  ? ? 114.14 118.60 -4.46 0.60 N 
4  1 C5    A A 6  ? ? C6    A A 6  ? ? N1    A A 6  ? ? 121.09 117.70 3.39  0.50 N 
5  1 N1    A A 6  ? ? C6    A A 6  ? ? N6    A A 6  ? ? 113.86 118.60 -4.74 0.60 N 
6  1 N3    A C 7  ? ? C2    A C 7  ? ? O2    A C 7  ? ? 117.09 121.90 -4.81 0.70 N 
7  1 "O4'" A C 8  ? ? "C1'" A C 8  ? ? N1    A C 8  ? ? 113.03 108.50 4.53  0.70 N 
8  1 N3    A C 8  ? ? C2    A C 8  ? ? O2    A C 8  ? ? 116.69 121.90 -5.21 0.70 N 
9  1 "O4'" A G 10 ? ? "C1'" A G 10 ? ? N9    A G 10 ? ? 113.11 108.50 4.61  0.70 N 
10 1 "C3'" A A 11 ? ? "C2'" A A 11 ? ? "C1'" A A 11 ? ? 95.59  101.30 -5.71 0.70 N 
11 1 C4    A A 11 ? ? C5    A A 11 ? ? C6    A A 11 ? ? 113.95 117.00 -3.05 0.50 N 
12 1 C5    A A 11 ? ? C6    A A 11 ? ? N1    A A 11 ? ? 121.34 117.70 3.64  0.50 N 
13 1 N1    A A 11 ? ? C6    A A 11 ? ? N6    A A 11 ? ? 113.27 118.60 -5.33 0.60 N 
14 1 C5    A A 12 ? ? C6    A A 12 ? ? N1    A A 12 ? ? 121.00 117.70 3.30  0.50 N 
15 1 N1    A A 12 ? ? C6    A A 12 ? ? N6    A A 12 ? ? 113.43 118.60 -5.17 0.60 N 
16 1 "C5'" A G 13 ? ? "C4'" A G 13 ? ? "O4'" A G 13 ? ? 101.26 109.10 -7.84 1.20 N 
17 1 "C1'" A G 13 ? ? "O4'" A G 13 ? ? "C4'" A G 13 ? ? 104.88 109.70 -4.82 0.70 N 
18 1 "O4'" A G 13 ? ? "C1'" A G 13 ? ? N9    A G 13 ? ? 114.73 108.50 6.23  0.70 N 
19 1 N1    A G 15 ? ? C6    A G 15 ? ? O6    A G 15 ? ? 115.93 119.90 -3.97 0.60 N 
20 1 "O4'" A U 18 ? ? "C1'" A U 18 ? ? N1    A U 18 ? ? 113.18 108.50 4.68  0.70 N 
21 1 N3    A C 21 ? ? C2    A C 21 ? ? O2    A C 21 ? ? 116.97 121.90 -4.93 0.70 N 
22 1 N3    A C 22 ? ? C2    A C 22 ? ? O2    A C 22 ? ? 116.91 121.90 -4.99 0.70 N 
23 1 N3    A C 23 ? ? C2    A C 23 ? ? O2    A C 23 ? ? 116.90 121.90 -5.00 0.70 N 
# 
loop_
_pdbx_validate_planes.id 
_pdbx_validate_planes.PDB_model_num 
_pdbx_validate_planes.auth_comp_id 
_pdbx_validate_planes.auth_asym_id 
_pdbx_validate_planes.auth_seq_id 
_pdbx_validate_planes.PDB_ins_code 
_pdbx_validate_planes.label_alt_id 
_pdbx_validate_planes.rmsd 
_pdbx_validate_planes.type 
1 1 U A 9  ? ? 0.057 'SIDE CHAIN' 
2 1 G A 10 ? ? 0.122 'SIDE CHAIN' 
3 1 A A 12 ? ? 0.096 'SIDE CHAIN' 
# 
_pdbx_nmr_ensemble.average_constraint_violations_per_residue     ? 
_pdbx_nmr_ensemble.average_constraints_per_residue               ? 
_pdbx_nmr_ensemble.average_distance_constraint_violation         ? 
_pdbx_nmr_ensemble.average_torsion_angle_constraint_violation    ? 
_pdbx_nmr_ensemble.conformer_selection_criteria                  'Structures with the least restraint violations and total energy' 
_pdbx_nmr_ensemble.conformers_calculated_total_number            100 
_pdbx_nmr_ensemble.conformers_submitted_total_number             1 
_pdbx_nmr_ensemble.distance_constraint_violation_method          ? 
_pdbx_nmr_ensemble.entry_id                                      2RO2 
_pdbx_nmr_ensemble.maximum_distance_constraint_violation         ? 
_pdbx_nmr_ensemble.maximum_lower_distance_constraint_violation   ? 
_pdbx_nmr_ensemble.maximum_torsion_angle_constraint_violation    ? 
_pdbx_nmr_ensemble.maximum_upper_distance_constraint_violation   ? 
_pdbx_nmr_ensemble.torsion_angle_constraint_violation_method     ? 
# 
_pdbx_nmr_representative.conformer_id         1 
_pdbx_nmr_representative.entry_id             2RO2 
_pdbx_nmr_representative.selection_criteria   'minimized average structure' 
# 
loop_
_pdbx_nmr_sample_details.contents 
_pdbx_nmr_sample_details.solution_id 
_pdbx_nmr_sample_details.solvent_system 
;0.5mM RNA (5'-R(*GP*GP*GP*AP*GP*AP*CP*CP*UP*GP*AP*AP*GP*UP*GP*GP*GP*UP*UP*UP*CP*CP*C)-3'), 10mM sodium phosphate, 0.1mM EDTA, 100% D2O
;
1 '100% D2O'        
;0.5mM RNA (5'-R(*GP*GP*GP*AP*GP*AP*CP*CP*UP*GP*AP*AP*GP*UP*GP*GP*GP*UP*UP*UP*CP*CP*C)-3'), 10mM sodium phosphate, 0.1mM EDTA, 90% H2O/10% D2O
;
2 '90% H2O/10% D2O' 
;1mM [U-100% 15N] RNA (5'-R(*GP*GP*GP*AP*GP*AP*CP*CP*UP*GP*AP*AP*GP*UP*GP*GP*GP*UP*UP*UP*CP*CP*C)-3'), 10mM sodium phosphate, 0.1mM EDTA, 90% H2O/10% D2O
;
3 '90% H2O/10% D2O' 
;0.5mM [U-100% 13C; U-100% 15N] RNA (5'-R(*GP*GP*GP*AP*GP*AP*CP*CP*UP*GP*AP*AP*GP*UP*GP*GP*GP*UP*UP*UP*CP*CP*C)-3'), 10mM sodium phosphate, 0.1mM EDTA, 100% D2O
;
4 '100% D2O'        
# 
loop_
_pdbx_nmr_exptl_sample.component 
_pdbx_nmr_exptl_sample.concentration 
_pdbx_nmr_exptl_sample.concentration_units 
_pdbx_nmr_exptl_sample.isotopic_labeling 
_pdbx_nmr_exptl_sample.solution_id 
;RNA (5'-R(*GP*GP*GP*AP*GP*AP*CP*CP*UP*GP*AP*AP*GP*UP*GP*GP*GP*UP*UP*UP*CP*CP*C)-3')
;
1   mM ?                          1 
'sodium phosphate'                                                                    10  mM ?                          1 
EDTA                                                                                  0.1 mM ?                          1 
;RNA (5'-R(*GP*GP*GP*AP*GP*AP*CP*CP*UP*GP*AP*AP*GP*UP*GP*GP*GP*UP*UP*UP*CP*CP*C)-3')
;
1   mM ?                          2 
'sodium phosphate'                                                                    10  mM ?                          2 
EDTA                                                                                  0.1 mM ?                          2 
;RNA (5'-R(*GP*GP*GP*AP*GP*AP*CP*CP*UP*GP*AP*AP*GP*UP*GP*GP*GP*UP*UP*UP*CP*CP*C)-3')
;
1   mM '[U-100% 15N]'             3 
'sodium phosphate'                                                                    10  mM ?                          3 
EDTA                                                                                  0.1 mM ?                          3 
;RNA (5'-R(*GP*GP*GP*AP*GP*AP*CP*CP*UP*GP*AP*AP*GP*UP*GP*GP*GP*UP*UP*UP*CP*CP*C)-3')
;
1   mM '[U-100% 13C; U-100% 15N]' 4 
'sodium phosphate'                                                                    10  mM ?                          4 
EDTA                                                                                  0.1 mM ?                          4 
# 
loop_
_pdbx_nmr_exptl_sample_conditions.conditions_id 
_pdbx_nmr_exptl_sample_conditions.ionic_strength 
_pdbx_nmr_exptl_sample_conditions.pH 
_pdbx_nmr_exptl_sample_conditions.pressure 
_pdbx_nmr_exptl_sample_conditions.pressure_units 
_pdbx_nmr_exptl_sample_conditions.temperature 
_pdbx_nmr_exptl_sample_conditions.temperature_units 
1 12.4 6 ambient ? 297 K 
2 12.4 6 ambient ? 281 K 
# 
loop_
_pdbx_nmr_exptl.conditions_id 
_pdbx_nmr_exptl.experiment_id 
_pdbx_nmr_exptl.solution_id 
_pdbx_nmr_exptl.type 
1 1  1 '2D 1H-1H NOESY'          
1 2  1 '2D 1H-1H TOCSY'          
1 3  1 '2D DQF-COSY'             
2 4  2 '2D 1H-1H NOESY'          
1 5  3 '2D 1H-15N HSQC'          
1 6  3 '2D HNN COSY'             
1 7  4 '2D 1H-13C HSQC'          
1 8  4 '3D NOESY-HMQC'           
1 9  4 '3D HCCH ECOSY'           
1 10 4 '2D HCCH-TOCSY'           
1 11 4 '3D HCP'                  
1 12 4 '3D 13C-ED-1H-31P HETCOR' 
1 13 4 '3D HCP-CCH TOCSY'        
1 14 4 '2D HCNCH'                
# 
_pdbx_nmr_refine.entry_id           2RO2 
_pdbx_nmr_refine.method             'simulated annealing and restrained energy minimization' 
_pdbx_nmr_refine.details            
'minimized average structure of 29 converged conformers with the least restraint violation energy and total energy' 
_pdbx_nmr_refine.software_ordinal   1 
# 
loop_
_pdbx_nmr_software.authors 
_pdbx_nmr_software.classification 
_pdbx_nmr_software.name 
_pdbx_nmr_software.version 
_pdbx_nmr_software.ordinal 
'Bruker Biospin'                                                     collection      TopSpin 1.3   1 
'Bruker Biospin'                                                     processing      TopSpin 1.3   2 
Goddard                                                              'data analysis' Sparky  3.110 3 
'Case, Darden, Cheatham, III, Simmerling, Wang, Duke, Luo and Kollm' refinement      Amber   8.0   4 
# 
loop_
_chem_comp_atom.comp_id 
_chem_comp_atom.atom_id 
_chem_comp_atom.type_symbol 
_chem_comp_atom.pdbx_aromatic_flag 
_chem_comp_atom.pdbx_stereo_config 
_chem_comp_atom.pdbx_ordinal 
A OP3    O N N 1   
A P      P N N 2   
A OP1    O N N 3   
A OP2    O N N 4   
A "O5'"  O N N 5   
A "C5'"  C N N 6   
A "C4'"  C N R 7   
A "O4'"  O N N 8   
A "C3'"  C N S 9   
A "O3'"  O N N 10  
A "C2'"  C N R 11  
A "O2'"  O N N 12  
A "C1'"  C N R 13  
A N9     N Y N 14  
A C8     C Y N 15  
A N7     N Y N 16  
A C5     C Y N 17  
A C6     C Y N 18  
A N6     N N N 19  
A N1     N Y N 20  
A C2     C Y N 21  
A N3     N Y N 22  
A C4     C Y N 23  
A HOP3   H N N 24  
A HOP2   H N N 25  
A "H5'"  H N N 26  
A "H5''" H N N 27  
A "H4'"  H N N 28  
A "H3'"  H N N 29  
A "HO3'" H N N 30  
A "H2'"  H N N 31  
A "HO2'" H N N 32  
A "H1'"  H N N 33  
A H8     H N N 34  
A H61    H N N 35  
A H62    H N N 36  
A H2     H N N 37  
C OP3    O N N 38  
C P      P N N 39  
C OP1    O N N 40  
C OP2    O N N 41  
C "O5'"  O N N 42  
C "C5'"  C N N 43  
C "C4'"  C N R 44  
C "O4'"  O N N 45  
C "C3'"  C N S 46  
C "O3'"  O N N 47  
C "C2'"  C N R 48  
C "O2'"  O N N 49  
C "C1'"  C N R 50  
C N1     N N N 51  
C C2     C N N 52  
C O2     O N N 53  
C N3     N N N 54  
C C4     C N N 55  
C N4     N N N 56  
C C5     C N N 57  
C C6     C N N 58  
C HOP3   H N N 59  
C HOP2   H N N 60  
C "H5'"  H N N 61  
C "H5''" H N N 62  
C "H4'"  H N N 63  
C "H3'"  H N N 64  
C "HO3'" H N N 65  
C "H2'"  H N N 66  
C "HO2'" H N N 67  
C "H1'"  H N N 68  
C H41    H N N 69  
C H42    H N N 70  
C H5     H N N 71  
C H6     H N N 72  
G OP3    O N N 73  
G P      P N N 74  
G OP1    O N N 75  
G OP2    O N N 76  
G "O5'"  O N N 77  
G "C5'"  C N N 78  
G "C4'"  C N R 79  
G "O4'"  O N N 80  
G "C3'"  C N S 81  
G "O3'"  O N N 82  
G "C2'"  C N R 83  
G "O2'"  O N N 84  
G "C1'"  C N R 85  
G N9     N Y N 86  
G C8     C Y N 87  
G N7     N Y N 88  
G C5     C Y N 89  
G C6     C N N 90  
G O6     O N N 91  
G N1     N N N 92  
G C2     C N N 93  
G N2     N N N 94  
G N3     N N N 95  
G C4     C Y N 96  
G HOP3   H N N 97  
G HOP2   H N N 98  
G "H5'"  H N N 99  
G "H5''" H N N 100 
G "H4'"  H N N 101 
G "H3'"  H N N 102 
G "HO3'" H N N 103 
G "H2'"  H N N 104 
G "HO2'" H N N 105 
G "H1'"  H N N 106 
G H8     H N N 107 
G H1     H N N 108 
G H21    H N N 109 
G H22    H N N 110 
U OP3    O N N 111 
U P      P N N 112 
U OP1    O N N 113 
U OP2    O N N 114 
U "O5'"  O N N 115 
U "C5'"  C N N 116 
U "C4'"  C N R 117 
U "O4'"  O N N 118 
U "C3'"  C N S 119 
U "O3'"  O N N 120 
U "C2'"  C N R 121 
U "O2'"  O N N 122 
U "C1'"  C N R 123 
U N1     N N N 124 
U C2     C N N 125 
U O2     O N N 126 
U N3     N N N 127 
U C4     C N N 128 
U O4     O N N 129 
U C5     C N N 130 
U C6     C N N 131 
U HOP3   H N N 132 
U HOP2   H N N 133 
U "H5'"  H N N 134 
U "H5''" H N N 135 
U "H4'"  H N N 136 
U "H3'"  H N N 137 
U "HO3'" H N N 138 
U "H2'"  H N N 139 
U "HO2'" H N N 140 
U "H1'"  H N N 141 
U H3     H N N 142 
U H5     H N N 143 
U H6     H N N 144 
# 
loop_
_chem_comp_bond.comp_id 
_chem_comp_bond.atom_id_1 
_chem_comp_bond.atom_id_2 
_chem_comp_bond.value_order 
_chem_comp_bond.pdbx_aromatic_flag 
_chem_comp_bond.pdbx_stereo_config 
_chem_comp_bond.pdbx_ordinal 
A OP3   P      sing N N 1   
A OP3   HOP3   sing N N 2   
A P     OP1    doub N N 3   
A P     OP2    sing N N 4   
A P     "O5'"  sing N N 5   
A OP2   HOP2   sing N N 6   
A "O5'" "C5'"  sing N N 7   
A "C5'" "C4'"  sing N N 8   
A "C5'" "H5'"  sing N N 9   
A "C5'" "H5''" sing N N 10  
A "C4'" "O4'"  sing N N 11  
A "C4'" "C3'"  sing N N 12  
A "C4'" "H4'"  sing N N 13  
A "O4'" "C1'"  sing N N 14  
A "C3'" "O3'"  sing N N 15  
A "C3'" "C2'"  sing N N 16  
A "C3'" "H3'"  sing N N 17  
A "O3'" "HO3'" sing N N 18  
A "C2'" "O2'"  sing N N 19  
A "C2'" "C1'"  sing N N 20  
A "C2'" "H2'"  sing N N 21  
A "O2'" "HO2'" sing N N 22  
A "C1'" N9     sing N N 23  
A "C1'" "H1'"  sing N N 24  
A N9    C8     sing Y N 25  
A N9    C4     sing Y N 26  
A C8    N7     doub Y N 27  
A C8    H8     sing N N 28  
A N7    C5     sing Y N 29  
A C5    C6     sing Y N 30  
A C5    C4     doub Y N 31  
A C6    N6     sing N N 32  
A C6    N1     doub Y N 33  
A N6    H61    sing N N 34  
A N6    H62    sing N N 35  
A N1    C2     sing Y N 36  
A C2    N3     doub Y N 37  
A C2    H2     sing N N 38  
A N3    C4     sing Y N 39  
C OP3   P      sing N N 40  
C OP3   HOP3   sing N N 41  
C P     OP1    doub N N 42  
C P     OP2    sing N N 43  
C P     "O5'"  sing N N 44  
C OP2   HOP2   sing N N 45  
C "O5'" "C5'"  sing N N 46  
C "C5'" "C4'"  sing N N 47  
C "C5'" "H5'"  sing N N 48  
C "C5'" "H5''" sing N N 49  
C "C4'" "O4'"  sing N N 50  
C "C4'" "C3'"  sing N N 51  
C "C4'" "H4'"  sing N N 52  
C "O4'" "C1'"  sing N N 53  
C "C3'" "O3'"  sing N N 54  
C "C3'" "C2'"  sing N N 55  
C "C3'" "H3'"  sing N N 56  
C "O3'" "HO3'" sing N N 57  
C "C2'" "O2'"  sing N N 58  
C "C2'" "C1'"  sing N N 59  
C "C2'" "H2'"  sing N N 60  
C "O2'" "HO2'" sing N N 61  
C "C1'" N1     sing N N 62  
C "C1'" "H1'"  sing N N 63  
C N1    C2     sing N N 64  
C N1    C6     sing N N 65  
C C2    O2     doub N N 66  
C C2    N3     sing N N 67  
C N3    C4     doub N N 68  
C C4    N4     sing N N 69  
C C4    C5     sing N N 70  
C N4    H41    sing N N 71  
C N4    H42    sing N N 72  
C C5    C6     doub N N 73  
C C5    H5     sing N N 74  
C C6    H6     sing N N 75  
G OP3   P      sing N N 76  
G OP3   HOP3   sing N N 77  
G P     OP1    doub N N 78  
G P     OP2    sing N N 79  
G P     "O5'"  sing N N 80  
G OP2   HOP2   sing N N 81  
G "O5'" "C5'"  sing N N 82  
G "C5'" "C4'"  sing N N 83  
G "C5'" "H5'"  sing N N 84  
G "C5'" "H5''" sing N N 85  
G "C4'" "O4'"  sing N N 86  
G "C4'" "C3'"  sing N N 87  
G "C4'" "H4'"  sing N N 88  
G "O4'" "C1'"  sing N N 89  
G "C3'" "O3'"  sing N N 90  
G "C3'" "C2'"  sing N N 91  
G "C3'" "H3'"  sing N N 92  
G "O3'" "HO3'" sing N N 93  
G "C2'" "O2'"  sing N N 94  
G "C2'" "C1'"  sing N N 95  
G "C2'" "H2'"  sing N N 96  
G "O2'" "HO2'" sing N N 97  
G "C1'" N9     sing N N 98  
G "C1'" "H1'"  sing N N 99  
G N9    C8     sing Y N 100 
G N9    C4     sing Y N 101 
G C8    N7     doub Y N 102 
G C8    H8     sing N N 103 
G N7    C5     sing Y N 104 
G C5    C6     sing N N 105 
G C5    C4     doub Y N 106 
G C6    O6     doub N N 107 
G C6    N1     sing N N 108 
G N1    C2     sing N N 109 
G N1    H1     sing N N 110 
G C2    N2     sing N N 111 
G C2    N3     doub N N 112 
G N2    H21    sing N N 113 
G N2    H22    sing N N 114 
G N3    C4     sing N N 115 
U OP3   P      sing N N 116 
U OP3   HOP3   sing N N 117 
U P     OP1    doub N N 118 
U P     OP2    sing N N 119 
U P     "O5'"  sing N N 120 
U OP2   HOP2   sing N N 121 
U "O5'" "C5'"  sing N N 122 
U "C5'" "C4'"  sing N N 123 
U "C5'" "H5'"  sing N N 124 
U "C5'" "H5''" sing N N 125 
U "C4'" "O4'"  sing N N 126 
U "C4'" "C3'"  sing N N 127 
U "C4'" "H4'"  sing N N 128 
U "O4'" "C1'"  sing N N 129 
U "C3'" "O3'"  sing N N 130 
U "C3'" "C2'"  sing N N 131 
U "C3'" "H3'"  sing N N 132 
U "O3'" "HO3'" sing N N 133 
U "C2'" "O2'"  sing N N 134 
U "C2'" "C1'"  sing N N 135 
U "C2'" "H2'"  sing N N 136 
U "O2'" "HO2'" sing N N 137 
U "C1'" N1     sing N N 138 
U "C1'" "H1'"  sing N N 139 
U N1    C2     sing N N 140 
U N1    C6     sing N N 141 
U C2    O2     doub N N 142 
U C2    N3     sing N N 143 
U N3    C4     sing N N 144 
U N3    H3     sing N N 145 
U C4    O4     doub N N 146 
U C4    C5     sing N N 147 
U C5    C6     doub N N 148 
U C5    H5     sing N N 149 
U C6    H6     sing N N 150 
# 
loop_
_ndb_struct_conf_na.entry_id 
_ndb_struct_conf_na.feature 
2RO2 'a-form double helix'  
2RO2 'hairpin loop'         
2RO2 'mismatched base pair' 
# 
loop_
_ndb_struct_na_base_pair.model_number 
_ndb_struct_na_base_pair.i_label_asym_id 
_ndb_struct_na_base_pair.i_label_comp_id 
_ndb_struct_na_base_pair.i_label_seq_id 
_ndb_struct_na_base_pair.i_symmetry 
_ndb_struct_na_base_pair.j_label_asym_id 
_ndb_struct_na_base_pair.j_label_comp_id 
_ndb_struct_na_base_pair.j_label_seq_id 
_ndb_struct_na_base_pair.j_symmetry 
_ndb_struct_na_base_pair.shear 
_ndb_struct_na_base_pair.stretch 
_ndb_struct_na_base_pair.stagger 
_ndb_struct_na_base_pair.buckle 
_ndb_struct_na_base_pair.propeller 
_ndb_struct_na_base_pair.opening 
_ndb_struct_na_base_pair.pair_number 
_ndb_struct_na_base_pair.pair_name 
_ndb_struct_na_base_pair.i_auth_asym_id 
_ndb_struct_na_base_pair.i_auth_seq_id 
_ndb_struct_na_base_pair.i_PDB_ins_code 
_ndb_struct_na_base_pair.j_auth_asym_id 
_ndb_struct_na_base_pair.j_auth_seq_id 
_ndb_struct_na_base_pair.j_PDB_ins_code 
_ndb_struct_na_base_pair.hbond_type_28 
_ndb_struct_na_base_pair.hbond_type_12 
1 A G 1  1_555 A C 23 1_555 -0.498 -0.104 -0.215 -7.500 -7.255  -0.044  1  A_G1:C23_A  A 1  ? A 23 ? 19 1 
1 A G 2  1_555 A C 22 1_555 -0.419 -0.105 -0.142 -7.233 -10.090 -0.056  2  A_G2:C22_A  A 2  ? A 22 ? 19 1 
1 A G 3  1_555 A C 21 1_555 -0.378 -0.092 -0.141 -8.540 -12.130 -0.315  3  A_G3:C21_A  A 3  ? A 21 ? 19 1 
1 A A 4  1_555 A U 20 1_555 0.047  -0.004 -0.026 -5.173 -11.287 -0.798  4  A_A4:U20_A  A 4  ? A 20 ? 20 1 
1 A G 5  1_555 A U 19 1_555 -2.243 -0.341 0.243  4.444  -9.537  1.861   5  A_G5:U19_A  A 5  ? A 19 ? 28 1 
1 A A 6  1_555 A U 18 1_555 0.142  0.016  -0.076 8.104  -13.120 -0.877  6  A_A6:U18_A  A 6  ? A 18 ? 20 1 
1 A C 7  1_555 A G 17 1_555 0.446  -0.104 -0.171 9.393  -12.206 0.410   7  A_C7:G17_A  A 7  ? A 17 ? 19 1 
1 A C 8  1_555 A G 16 1_555 0.601  -0.177 -0.194 2.633  -12.972 0.959   8  A_C8:G16_A  A 8  ? A 16 ? 19 1 
1 A U 9  1_555 A G 15 1_555 2.086  -0.225 -0.134 -7.040 -4.271  7.930   9  A_U9:G15_A  A 9  ? A 15 ? 28 1 
1 A G 10 1_555 A G 13 1_555 7.849  -4.354 1.281  28.289 3.956   -33.177 10 A_G10:G13_A A 10 ? A 13 ? ?  ? 
# 
loop_
_ndb_struct_na_base_pair_step.model_number 
_ndb_struct_na_base_pair_step.i_label_asym_id_1 
_ndb_struct_na_base_pair_step.i_label_comp_id_1 
_ndb_struct_na_base_pair_step.i_label_seq_id_1 
_ndb_struct_na_base_pair_step.i_symmetry_1 
_ndb_struct_na_base_pair_step.j_label_asym_id_1 
_ndb_struct_na_base_pair_step.j_label_comp_id_1 
_ndb_struct_na_base_pair_step.j_label_seq_id_1 
_ndb_struct_na_base_pair_step.j_symmetry_1 
_ndb_struct_na_base_pair_step.i_label_asym_id_2 
_ndb_struct_na_base_pair_step.i_label_comp_id_2 
_ndb_struct_na_base_pair_step.i_label_seq_id_2 
_ndb_struct_na_base_pair_step.i_symmetry_2 
_ndb_struct_na_base_pair_step.j_label_asym_id_2 
_ndb_struct_na_base_pair_step.j_label_comp_id_2 
_ndb_struct_na_base_pair_step.j_label_seq_id_2 
_ndb_struct_na_base_pair_step.j_symmetry_2 
_ndb_struct_na_base_pair_step.shift 
_ndb_struct_na_base_pair_step.slide 
_ndb_struct_na_base_pair_step.rise 
_ndb_struct_na_base_pair_step.tilt 
_ndb_struct_na_base_pair_step.roll 
_ndb_struct_na_base_pair_step.twist 
_ndb_struct_na_base_pair_step.x_displacement 
_ndb_struct_na_base_pair_step.y_displacement 
_ndb_struct_na_base_pair_step.helical_rise 
_ndb_struct_na_base_pair_step.inclination 
_ndb_struct_na_base_pair_step.tip 
_ndb_struct_na_base_pair_step.helical_twist 
_ndb_struct_na_base_pair_step.step_number 
_ndb_struct_na_base_pair_step.step_name 
_ndb_struct_na_base_pair_step.i_auth_asym_id_1 
_ndb_struct_na_base_pair_step.i_auth_seq_id_1 
_ndb_struct_na_base_pair_step.i_PDB_ins_code_1 
_ndb_struct_na_base_pair_step.j_auth_asym_id_1 
_ndb_struct_na_base_pair_step.j_auth_seq_id_1 
_ndb_struct_na_base_pair_step.j_PDB_ins_code_1 
_ndb_struct_na_base_pair_step.i_auth_asym_id_2 
_ndb_struct_na_base_pair_step.i_auth_seq_id_2 
_ndb_struct_na_base_pair_step.i_PDB_ins_code_2 
_ndb_struct_na_base_pair_step.j_auth_asym_id_2 
_ndb_struct_na_base_pair_step.j_auth_seq_id_2 
_ndb_struct_na_base_pair_step.j_PDB_ins_code_2 
1 A G 1 1_555 A C 23 1_555 A G 2  1_555 A C 22 1_555 -0.061 -1.877 3.313 -0.561 6.649 31.104 -4.588 0.014  2.861 12.224 1.031  
31.795 1 AA_G1G2:C22C23_AA  A 1 ? A 23 ? A 2  ? A 22 ? 
1 A G 2 1_555 A C 22 1_555 A G 3  1_555 A C 21 1_555 -0.074 -1.808 3.332 -0.137 7.378 31.097 -4.566 0.111  2.839 13.525 0.251  
31.939 2 AA_G2G3:C21C22_AA  A 2 ? A 22 ? A 3  ? A 21 ? 
1 A G 3 1_555 A C 21 1_555 A A 4  1_555 A U 20 1_555 -0.077 -1.527 3.228 -0.609 5.118 31.827 -3.618 0.036  2.954 9.256  1.101  
32.230 3 AA_G3A4:U20C21_AA  A 3 ? A 21 ? A 4  ? A 20 ? 
1 A A 4 1_555 A U 20 1_555 A G 5  1_555 A U 19 1_555 0.130  -1.887 2.858 -4.324 7.349 23.074 -6.206 -1.348 2.107 17.618 10.366 
24.579 4 AA_A4G5:U19U20_AA  A 4 ? A 20 ? A 5  ? A 19 ? 
1 A G 5 1_555 A U 19 1_555 A A 6  1_555 A U 18 1_555 -0.472 -1.729 3.269 -0.740 4.184 38.196 -3.133 0.627  3.078 6.370  1.126  
38.423 5 AA_G5A6:U18U19_AA  A 5 ? A 19 ? A 6  ? A 18 ? 
1 A A 6 1_555 A U 18 1_555 A C 7  1_555 A G 17 1_555 -0.055 -1.795 3.298 -0.651 3.465 32.144 -3.824 -0.014 3.093 6.234  1.171  
32.331 6 AA_A6C7:G17U18_AA  A 6 ? A 18 ? A 7  ? A 17 ? 
1 A C 7 1_555 A G 17 1_555 A C 8  1_555 A G 16 1_555 0.113  -1.853 3.401 1.044  8.322 31.927 -4.637 -0.027 2.843 14.811 -1.858 
32.982 7 AA_C7C8:G16G17_AA  A 7 ? A 17 ? A 8  ? A 16 ? 
1 A C 8 1_555 A G 16 1_555 A U 9  1_555 A G 15 1_555 1.048  -1.424 3.509 4.257  6.238 42.224 -2.605 -0.986 3.361 8.577  -5.853 
42.864 8 AA_C8U9:G15G16_AA  A 8 ? A 16 ? A 9  ? A 15 ? 
1 A U 9 1_555 A G 15 1_555 A G 10 1_555 A G 13 1_555 -2.604 -0.318 2.625 -3.674 7.134 48.171 -0.833 2.921  2.735 8.670  4.465  
48.795 9 AA_U9G10:G13G15_AA A 9 ? A 15 ? A 10 ? A 13 ? 
# 
loop_
_pdbx_nmr_spectrometer.field_strength 
_pdbx_nmr_spectrometer.manufacturer 
_pdbx_nmr_spectrometer.model 
_pdbx_nmr_spectrometer.spectrometer_id 
_pdbx_nmr_spectrometer.type 
600 Bruker AVANCE 1 'Bruker Avance' 
600 Bruker AVANCE 2 'Bruker Avance' 
700 Bruker AVANCE 3 'Bruker Avance' 
# 
_atom_sites.entry_id                    2RO2 
_atom_sites.fract_transf_matrix[1][1]   1.000000 
_atom_sites.fract_transf_matrix[1][2]   0.000000 
_atom_sites.fract_transf_matrix[1][3]   0.000000 
_atom_sites.fract_transf_matrix[2][1]   0.000000 
_atom_sites.fract_transf_matrix[2][2]   1.000000 
_atom_sites.fract_transf_matrix[2][3]   0.000000 
_atom_sites.fract_transf_matrix[3][1]   0.000000 
_atom_sites.fract_transf_matrix[3][2]   0.000000 
_atom_sites.fract_transf_matrix[3][3]   1.000000 
_atom_sites.fract_transf_vector[1]      0.00000 
_atom_sites.fract_transf_vector[2]      0.00000 
_atom_sites.fract_transf_vector[3]      0.00000 
# 
loop_
_atom_type.symbol 
C 
H 
N 
O 
P 
# 
loop_
_atom_site.group_PDB 
_atom_site.id 
_atom_site.type_symbol 
_atom_site.label_atom_id 
_atom_site.label_alt_id 
_atom_site.label_comp_id 
_atom_site.label_asym_id 
_atom_site.label_entity_id 
_atom_site.label_seq_id 
_atom_site.pdbx_PDB_ins_code 
_atom_site.Cartn_x 
_atom_site.Cartn_y 
_atom_site.Cartn_z 
_atom_site.occupancy 
_atom_site.B_iso_or_equiv 
_atom_site.pdbx_formal_charge 
_atom_site.auth_seq_id 
_atom_site.auth_comp_id 
_atom_site.auth_asym_id 
_atom_site.auth_atom_id 
_atom_site.pdbx_PDB_model_num 
ATOM 1   O "O5'"  . G A 1 1  ? 12.440  -8.948  -3.258  1.00 0.00 ? 1  G A "O5'"  1 
ATOM 2   C "C5'"  . G A 1 1  ? 12.411  -10.191 -3.956  1.00 0.00 ? 1  G A "C5'"  1 
ATOM 3   C "C4'"  . G A 1 1  ? 11.912  -11.356 -3.086  1.00 0.00 ? 1  G A "C4'"  1 
ATOM 4   O "O4'"  . G A 1 1  ? 12.793  -11.644 -1.999  1.00 0.00 ? 1  G A "O4'"  1 
ATOM 5   C "C3'"  . G A 1 1  ? 10.519  -11.145 -2.479  1.00 0.00 ? 1  G A "C3'"  1 
ATOM 6   O "O3'"  . G A 1 1  ? 9.454   -11.365 -3.397  1.00 0.00 ? 1  G A "O3'"  1 
ATOM 7   C "C2'"  . G A 1 1  ? 10.570  -12.189 -1.355  1.00 0.00 ? 1  G A "C2'"  1 
ATOM 8   O "O2'"  . G A 1 1  ? 10.432  -13.531 -1.828  1.00 0.00 ? 1  G A "O2'"  1 
ATOM 9   C "C1'"  . G A 1 1  ? 12.010  -12.006 -0.858  1.00 0.00 ? 1  G A "C1'"  1 
ATOM 10  N N9     . G A 1 1  ? 12.084  -10.947 0.182   1.00 0.00 ? 1  G A N9     1 
ATOM 11  C C8     . G A 1 1  ? 12.613  -9.681  0.092   1.00 0.00 ? 1  G A C8     1 
ATOM 12  N N7     . G A 1 1  ? 12.548  -8.988  1.202   1.00 0.00 ? 1  G A N7     1 
ATOM 13  C C5     . G A 1 1  ? 11.924  -9.864  2.101   1.00 0.00 ? 1  G A C5     1 
ATOM 14  C C6     . G A 1 1  ? 11.569  -9.716  3.492   1.00 0.00 ? 1  G A C6     1 
ATOM 15  O O6     . G A 1 1  ? 11.742  -8.752  4.242   1.00 0.00 ? 1  G A O6     1 
ATOM 16  N N1     . G A 1 1  ? 10.962  -10.836 4.027   1.00 0.00 ? 1  G A N1     1 
ATOM 17  C C2     . G A 1 1  ? 10.730  -11.973 3.326   1.00 0.00 ? 1  G A C2     1 
ATOM 18  N N2     . G A 1 1  ? 10.137  -12.953 3.953   1.00 0.00 ? 1  G A N2     1 
ATOM 19  N N3     . G A 1 1  ? 11.049  -12.162 2.046   1.00 0.00 ? 1  G A N3     1 
ATOM 20  C C4     . G A 1 1  ? 11.644  -11.066 1.483   1.00 0.00 ? 1  G A C4     1 
ATOM 21  H "H5'"  . G A 1 1  ? 13.413  -10.432 -4.318  1.00 0.00 ? 1  G A "H5'"  1 
ATOM 22  H "H5''" . G A 1 1  ? 11.751  -10.101 -4.822  1.00 0.00 ? 1  G A "H5''" 1 
ATOM 23  H "H4'"  . G A 1 1  ? 11.861  -12.245 -3.717  1.00 0.00 ? 1  G A "H4'"  1 
ATOM 24  H "H3'"  . G A 1 1  ? 10.467  -10.146 -2.044  1.00 0.00 ? 1  G A "H3'"  1 
ATOM 25  H "H2'"  . G A 1 1  ? 9.840   -11.971 -0.574  1.00 0.00 ? 1  G A "H2'"  1 
ATOM 26  H "HO2'" . G A 1 1  ? 9.674   -13.564 -2.444  1.00 0.00 ? 1  G A "HO2'" 1 
ATOM 27  H "H1'"  . G A 1 1  ? 12.363  -12.944 -0.421  1.00 0.00 ? 1  G A "H1'"  1 
ATOM 28  H H8     . G A 1 1  ? 13.053  -9.299  -0.820  1.00 0.00 ? 1  G A H8     1 
ATOM 29  H H1     . G A 1 1  ? 10.700  -10.798 5.000   1.00 0.00 ? 1  G A H1     1 
ATOM 30  H H21    . G A 1 1  ? 9.846   -12.840 4.922   1.00 0.00 ? 1  G A H21    1 
ATOM 31  H H22    . G A 1 1  ? 9.974   -13.811 3.451   1.00 0.00 ? 1  G A H22    1 
ATOM 32  H "HO5'" . G A 1 1  ? 12.765  -8.246  -3.863  1.00 0.00 ? 1  G A "HO5'" 1 
ATOM 33  P P      . G A 1 2  ? 8.026   -10.664 -3.184  1.00 0.00 ? 2  G A P      1 
ATOM 34  O OP1    . G A 1 2  ? 7.161   -11.058 -4.323  1.00 0.00 ? 2  G A OP1    1 
ATOM 35  O OP2    . G A 1 2  ? 8.251   -9.221  -2.928  1.00 0.00 ? 2  G A OP2    1 
ATOM 36  O "O5'"  . G A 1 2  ? 7.436   -11.317 -1.838  1.00 0.00 ? 2  G A "O5'"  1 
ATOM 37  C "C5'"  . G A 1 2  ? 6.918   -12.640 -1.822  1.00 0.00 ? 2  G A "C5'"  1 
ATOM 38  C "C4'"  . G A 1 2  ? 6.466   -13.066 -0.419  1.00 0.00 ? 2  G A "C4'"  1 
ATOM 39  O "O4'"  . G A 1 2  ? 7.530   -13.017 0.532   1.00 0.00 ? 2  G A "O4'"  1 
ATOM 40  C "C3'"  . G A 1 2  ? 5.334   -12.214 0.160   1.00 0.00 ? 2  G A "C3'"  1 
ATOM 41  O "O3'"  . G A 1 2  ? 4.059   -12.489 -0.408  1.00 0.00 ? 2  G A "O3'"  1 
ATOM 42  C "C2'"  . G A 1 2  ? 5.463   -12.601 1.642   1.00 0.00 ? 2  G A "C2'"  1 
ATOM 43  O "O2'"  . G A 1 2  ? 4.964   -13.908 1.940   1.00 0.00 ? 2  G A "O2'"  1 
ATOM 44  C "C1'"  . G A 1 2  ? 6.990   -12.617 1.793   1.00 0.00 ? 2  G A "C1'"  1 
ATOM 45  N N9     . G A 1 2  ? 7.482   -11.273 2.184   1.00 0.00 ? 2  G A N9     1 
ATOM 46  C C8     . G A 1 2  ? 8.115   -10.319 1.423   1.00 0.00 ? 2  G A C8     1 
ATOM 47  N N7     . G A 1 2  ? 8.442   -9.236  2.081   1.00 0.00 ? 2  G A N7     1 
ATOM 48  C C5     . G A 1 2  ? 7.974   -9.483  3.381   1.00 0.00 ? 2  G A C5     1 
ATOM 49  C C6     . G A 1 2  ? 8.018   -8.692  4.585   1.00 0.00 ? 2  G A C6     1 
ATOM 50  O O6     . G A 1 2  ? 8.503   -7.575  4.768   1.00 0.00 ? 2  G A O6     1 
ATOM 51  N N1     . G A 1 2  ? 7.422   -9.307  5.670   1.00 0.00 ? 2  G A N1     1 
ATOM 52  C C2     . G A 1 2  ? 6.860   -10.540 5.621   1.00 0.00 ? 2  G A C2     1 
ATOM 53  N N2     . G A 1 2  ? 6.301   -10.989 6.713   1.00 0.00 ? 2  G A N2     1 
ATOM 54  N N3     . G A 1 2  ? 6.804   -11.311 4.537   1.00 0.00 ? 2  G A N3     1 
ATOM 55  C C4     . G A 1 2  ? 7.381   -10.728 3.443   1.00 0.00 ? 2  G A C4     1 
ATOM 56  H "H5'"  . G A 1 2  ? 7.676   -13.342 -2.170  1.00 0.00 ? 2  G A "H5'"  1 
ATOM 57  H "H5''" . G A 1 2  ? 6.061   -12.706 -2.494  1.00 0.00 ? 2  G A "H5''" 1 
ATOM 58  H "H4'"  . G A 1 2  ? 6.106   -14.095 -0.475  1.00 0.00 ? 2  G A "H4'"  1 
ATOM 59  H "H3'"  . G A 1 2  ? 5.591   -11.159 0.037   1.00 0.00 ? 2  G A "H3'"  1 
ATOM 60  H "H2'"  . G A 1 2  ? 4.999   -11.852 2.286   1.00 0.00 ? 2  G A "H2'"  1 
ATOM 61  H "HO2'" . G A 1 2  ? 4.914   -14.020 2.911   1.00 0.00 ? 2  G A "HO2'" 1 
ATOM 62  H "H1'"  . G A 1 2  ? 7.273   -13.323 2.578   1.00 0.00 ? 2  G A "H1'"  1 
ATOM 63  H H8     . G A 1 2  ? 8.328   -10.463 0.372   1.00 0.00 ? 2  G A H8     1 
ATOM 64  H H1     . G A 1 2  ? 7.436   -8.812  6.547   1.00 0.00 ? 2  G A H1     1 
ATOM 65  H H21    . G A 1 2  ? 6.272   -10.413 7.552   1.00 0.00 ? 2  G A H21    1 
ATOM 66  H H22    . G A 1 2  ? 5.881   -11.902 6.686   1.00 0.00 ? 2  G A H22    1 
ATOM 67  P P      . G A 1 3  ? 2.863   -11.425 -0.301  1.00 0.00 ? 3  G A P      1 
ATOM 68  O OP1    . G A 1 3  ? 1.684   -12.005 -0.993  1.00 0.00 ? 3  G A OP1    1 
ATOM 69  O OP2    . G A 1 3  ? 3.376   -10.110 -0.755  1.00 0.00 ? 3  G A OP2    1 
ATOM 70  O "O5'"  . G A 1 3  ? 2.528   -11.305 1.267   1.00 0.00 ? 3  G A "O5'"  1 
ATOM 71  C "C5'"  . G A 1 3  ? 1.876   -12.355 1.966   1.00 0.00 ? 3  G A "C5'"  1 
ATOM 72  C "C4'"  . G A 1 3  ? 1.722   -12.043 3.460   1.00 0.00 ? 3  G A "C4'"  1 
ATOM 73  O "O4'"  . G A 1 3  ? 2.975   -11.836 4.113   1.00 0.00 ? 3  G A "O4'"  1 
ATOM 74  C "C3'"  . G A 1 3  ? 0.875   -10.799 3.749   1.00 0.00 ? 3  G A "C3'"  1 
ATOM 75  O "O3'"  . G A 1 3  ? -0.524  -11.013 3.599   1.00 0.00 ? 3  G A "O3'"  1 
ATOM 76  C "C2'"  . G A 1 3  ? 1.304   -10.536 5.199   1.00 0.00 ? 3  G A "C2'"  1 
ATOM 77  O "O2'"  . G A 1 3  ? 0.726   -11.450 6.134   1.00 0.00 ? 3  G A "O2'"  1 
ATOM 78  C "C1'"  . G A 1 3  ? 2.806   -10.831 5.114   1.00 0.00 ? 3  G A "C1'"  1 
ATOM 79  N N9     . G A 1 3  ? 3.566   -9.604  4.765   1.00 0.00 ? 3  G A N9     1 
ATOM 80  C C8     . G A 1 3  ? 4.111   -9.233  3.558   1.00 0.00 ? 3  G A C8     1 
ATOM 81  N N7     . G A 1 3  ? 4.763   -8.099  3.588   1.00 0.00 ? 3  G A N7     1 
ATOM 82  C C5     . G A 1 3  ? 4.622   -7.670  4.915   1.00 0.00 ? 3  G A C5     1 
ATOM 83  C C6     . G A 1 3  ? 5.102   -6.494  5.598   1.00 0.00 ? 3  G A C6     1 
ATOM 84  O O6     . G A 1 3  ? 5.777   -5.560  5.165   1.00 0.00 ? 3  G A O6     1 
ATOM 85  N N1     . G A 1 3  ? 4.723   -6.437  6.925   1.00 0.00 ? 3  G A N1     1 
ATOM 86  C C2     . G A 1 3  ? 3.990   -7.395  7.542   1.00 0.00 ? 3  G A C2     1 
ATOM 87  N N2     . G A 1 3  ? 3.668   -7.190  8.791   1.00 0.00 ? 3  G A N2     1 
ATOM 88  N N3     . G A 1 3  ? 3.533   -8.500  6.955   1.00 0.00 ? 3  G A N3     1 
ATOM 89  C C4     . G A 1 3  ? 3.883   -8.585  5.636   1.00 0.00 ? 3  G A C4     1 
ATOM 90  H "H5'"  . G A 1 3  ? 2.441   -13.282 1.858   1.00 0.00 ? 3  G A "H5'"  1 
ATOM 91  H "H5''" . G A 1 3  ? 0.883   -12.515 1.543   1.00 0.00 ? 3  G A "H5''" 1 
ATOM 92  H "H4'"  . G A 1 3  ? 1.229   -12.893 3.934   1.00 0.00 ? 3  G A "H4'"  1 
ATOM 93  H "H3'"  . G A 1 3  ? 1.220   -9.982  3.113   1.00 0.00 ? 3  G A "H3'"  1 
ATOM 94  H "H2'"  . G A 1 3  ? 1.109   -9.504  5.494   1.00 0.00 ? 3  G A "H2'"  1 
ATOM 95  H "HO2'" . G A 1 3  ? -0.243  -11.439 6.021   1.00 0.00 ? 3  G A "HO2'" 1 
ATOM 96  H "H1'"  . G A 1 3  ? 3.157   -11.184 6.087   1.00 0.00 ? 3  G A "H1'"  1 
ATOM 97  H H8     . G A 1 3  ? 4.015   -9.839  2.668   1.00 0.00 ? 3  G A H8     1 
ATOM 98  H H1     . G A 1 3  ? 5.038   -5.644  7.461   1.00 0.00 ? 3  G A H1     1 
ATOM 99  H H21    . G A 1 3  ? 3.934   -6.326  9.257   1.00 0.00 ? 3  G A H21    1 
ATOM 100 H H22    . G A 1 3  ? 3.112   -7.889  9.255   1.00 0.00 ? 3  G A H22    1 
ATOM 101 P P      . A A 1 4  ? -1.514  -9.794  3.271   1.00 0.00 ? 4  A A P      1 
ATOM 102 O OP1    . A A 1 4  ? -2.881  -10.353 3.120   1.00 0.00 ? 4  A A OP1    1 
ATOM 103 O OP2    . A A 1 4  ? -0.937  -9.013  2.151   1.00 0.00 ? 4  A A OP2    1 
ATOM 104 O "O5'"  . A A 1 4  ? -1.479  -8.870  4.586   1.00 0.00 ? 4  A A "O5'"  1 
ATOM 105 C "C5'"  . A A 1 4  ? -2.171  -9.240  5.768   1.00 0.00 ? 4  A A "C5'"  1 
ATOM 106 C "C4'"  . A A 1 4  ? -1.873  -8.283  6.929   1.00 0.00 ? 4  A A "C4'"  1 
ATOM 107 O "O4'"  . A A 1 4  ? -0.481  -8.238  7.246   1.00 0.00 ? 4  A A "O4'"  1 
ATOM 108 C "C3'"  . A A 1 4  ? -2.298  -6.831  6.687   1.00 0.00 ? 4  A A "C3'"  1 
ATOM 109 O "O3'"  . A A 1 4  ? -3.703  -6.612  6.751   1.00 0.00 ? 4  A A "O3'"  1 
ATOM 110 C "C2'"  . A A 1 4  ? -1.485  -6.159  7.806   1.00 0.00 ? 4  A A "C2'"  1 
ATOM 111 O "O2'"  . A A 1 4  ? -2.002  -6.393  9.119   1.00 0.00 ? 4  A A "O2'"  1 
ATOM 112 C "C1'"  . A A 1 4  ? -0.156  -6.913  7.666   1.00 0.00 ? 4  A A "C1'"  1 
ATOM 113 N N9     . A A 1 4  ? 0.709   -6.236  6.668   1.00 0.00 ? 4  A A N9     1 
ATOM 114 C C8     . A A 1 4  ? 0.938   -6.554  5.349   1.00 0.00 ? 4  A A C8     1 
ATOM 115 N N7     . A A 1 4  ? 1.745   -5.731  4.727   1.00 0.00 ? 4  A A N7     1 
ATOM 116 C C5     . A A 1 4  ? 2.063   -4.789  5.717   1.00 0.00 ? 4  A A C5     1 
ATOM 117 C C6     . A A 1 4  ? 2.872   -3.625  5.774   1.00 0.00 ? 4  A A C6     1 
ATOM 118 N N6     . A A 1 4  ? 3.580   -3.151  4.766   1.00 0.00 ? 4  A A N6     1 
ATOM 119 N N1     . A A 1 4  ? 2.990   -2.922  6.903   1.00 0.00 ? 4  A A N1     1 
ATOM 120 C C2     . A A 1 4  ? 2.321   -3.343  7.969   1.00 0.00 ? 4  A A C2     1 
ATOM 121 N N3     . A A 1 4  ? 1.523   -4.401  8.072   1.00 0.00 ? 4  A A N3     1 
ATOM 122 C C4     . A A 1 4  ? 1.439   -5.092  6.899   1.00 0.00 ? 4  A A C4     1 
ATOM 123 H "H5'"  . A A 1 4  ? -1.885  -10.248 6.068   1.00 0.00 ? 4  A A "H5'"  1 
ATOM 124 H "H5''" . A A 1 4  ? -3.247  -9.234  5.580   1.00 0.00 ? 4  A A "H5''" 1 
ATOM 125 H "H4'"  . A A 1 4  ? -2.413  -8.641  7.808   1.00 0.00 ? 4  A A "H4'"  1 
ATOM 126 H "H3'"  . A A 1 4  ? -1.911  -6.514  5.717   1.00 0.00 ? 4  A A "H3'"  1 
ATOM 127 H "H2'"  . A A 1 4  ? -1.366  -5.092  7.622   1.00 0.00 ? 4  A A "H2'"  1 
ATOM 128 H "HO2'" . A A 1 4  ? -1.571  -5.780  9.749   1.00 0.00 ? 4  A A "HO2'" 1 
ATOM 129 H "H1'"  . A A 1 4  ? 0.365   -6.925  8.628   1.00 0.00 ? 4  A A "H1'"  1 
ATOM 130 H H8     . A A 1 4  ? 0.487   -7.413  4.870   1.00 0.00 ? 4  A A H8     1 
ATOM 131 H H61    . A A 1 4  ? 4.174   -2.344  4.911   1.00 0.00 ? 4  A A H61    1 
ATOM 132 H H62    . A A 1 4  ? 3.570   -3.641  3.887   1.00 0.00 ? 4  A A H62    1 
ATOM 133 H H2     . A A 1 4  ? 2.434   -2.746  8.865   1.00 0.00 ? 4  A A H2     1 
ATOM 134 P P      . G A 1 5  ? -4.372  -5.296  6.114   1.00 0.00 ? 5  G A P      1 
ATOM 135 O OP1    . G A 1 5  ? -5.844  -5.448  6.225   1.00 0.00 ? 5  G A OP1    1 
ATOM 136 O OP2    . G A 1 5  ? -3.781  -5.076  4.772   1.00 0.00 ? 5  G A OP2    1 
ATOM 137 O "O5'"  . G A 1 5  ? -3.919  -4.070  7.053   1.00 0.00 ? 5  G A "O5'"  1 
ATOM 138 C "C5'"  . G A 1 5  ? -4.349  -3.999  8.403   1.00 0.00 ? 5  G A "C5'"  1 
ATOM 139 C "C4'"  . G A 1 5  ? -3.747  -2.828  9.188   1.00 0.00 ? 5  G A "C4'"  1 
ATOM 140 O "O4'"  . G A 1 5  ? -2.333  -2.961  9.332   1.00 0.00 ? 5  G A "O4'"  1 
ATOM 141 C "C3'"  . G A 1 5  ? -4.012  -1.440  8.595   1.00 0.00 ? 5  G A "C3'"  1 
ATOM 142 O "O3'"  . G A 1 5  ? -5.304  -0.921  8.887   1.00 0.00 ? 5  G A "O3'"  1 
ATOM 143 C "C2'"  . G A 1 5  ? -2.894  -0.657  9.297   1.00 0.00 ? 5  G A "C2'"  1 
ATOM 144 O "O2'"  . G A 1 5  ? -3.176  -0.391  10.673  1.00 0.00 ? 5  G A "O2'"  1 
ATOM 145 C "C1'"  . G A 1 5  ? -1.745  -1.666  9.240   1.00 0.00 ? 5  G A "C1'"  1 
ATOM 146 N N9     . G A 1 5  ? -0.991  -1.534  7.969   1.00 0.00 ? 5  G A N9     1 
ATOM 147 C C8     . G A 1 5  ? -1.040  -2.331  6.853   1.00 0.00 ? 5  G A C8     1 
ATOM 148 N N7     . G A 1 5  ? -0.213  -1.974  5.902   1.00 0.00 ? 5  G A N7     1 
ATOM 149 C C5     . G A 1 5  ? 0.418   -0.833  6.423   1.00 0.00 ? 5  G A C5     1 
ATOM 150 C C6     . G A 1 5  ? 1.433   0.043   5.885   1.00 0.00 ? 5  G A C6     1 
ATOM 151 O O6     . G A 1 5  ? 2.042   -0.011  4.817   1.00 0.00 ? 5  G A O6     1 
ATOM 152 N N1     . G A 1 5  ? 1.742   1.100   6.718   1.00 0.00 ? 5  G A N1     1 
ATOM 153 C C2     . G A 1 5  ? 1.196   1.285   7.941   1.00 0.00 ? 5  G A C2     1 
ATOM 154 N N2     . G A 1 5  ? 1.564   2.356   8.596   1.00 0.00 ? 5  G A N2     1 
ATOM 155 N N3     . G A 1 5  ? 0.284   0.490   8.495   1.00 0.00 ? 5  G A N3     1 
ATOM 156 C C4     . G A 1 5  ? -0.071  -0.554  7.683   1.00 0.00 ? 5  G A C4     1 
ATOM 157 H "H5'"  . G A 1 5  ? -4.043  -4.915  8.901   1.00 0.00 ? 5  G A "H5'"  1 
ATOM 158 H "H5''" . G A 1 5  ? -5.437  -3.924  8.440   1.00 0.00 ? 5  G A "H5''" 1 
ATOM 159 H "H4'"  . G A 1 5  ? -4.182  -2.844  10.189  1.00 0.00 ? 5  G A "H4'"  1 
ATOM 160 H "H3'"  . G A 1 5  ? -3.829  -1.468  7.519   1.00 0.00 ? 5  G A "H3'"  1 
ATOM 161 H "H2'"  . G A 1 5  ? -2.655  0.262   8.760   1.00 0.00 ? 5  G A "H2'"  1 
ATOM 162 H "HO2'" . G A 1 5  ? -4.112  -0.122  10.750  1.00 0.00 ? 5  G A "HO2'" 1 
ATOM 163 H "H1'"  . G A 1 5  ? -1.060  -1.483  10.071  1.00 0.00 ? 5  G A "H1'"  1 
ATOM 164 H H8     . G A 1 5  ? -1.705  -3.185  6.791   1.00 0.00 ? 5  G A H8     1 
ATOM 165 H H1     . G A 1 5  ? 2.413   1.773   6.388   1.00 0.00 ? 5  G A H1     1 
ATOM 166 H H21    . G A 1 5  ? 2.209   3.014   8.187   1.00 0.00 ? 5  G A H21    1 
ATOM 167 H H22    . G A 1 5  ? 1.163   2.507   9.509   1.00 0.00 ? 5  G A H22    1 
ATOM 168 P P      . A A 1 6  ? -5.976  0.194   7.948   1.00 0.00 ? 6  A A P      1 
ATOM 169 O OP1    . A A 1 6  ? -7.283  0.559   8.548   1.00 0.00 ? 6  A A OP1    1 
ATOM 170 O OP2    . A A 1 6  ? -5.948  -0.305  6.552   1.00 0.00 ? 6  A A OP2    1 
ATOM 171 O "O5'"  . A A 1 6  ? -4.999  1.471   8.029   1.00 0.00 ? 6  A A "O5'"  1 
ATOM 172 C "C5'"  . A A 1 6  ? -4.940  2.293   9.188   1.00 0.00 ? 6  A A "C5'"  1 
ATOM 173 C "C4'"  . A A 1 6  ? -3.864  3.382   9.062   1.00 0.00 ? 6  A A "C4'"  1 
ATOM 174 O "O4'"  . A A 1 6  ? -2.564  2.846   8.815   1.00 0.00 ? 6  A A "O4'"  1 
ATOM 175 C "C3'"  . A A 1 6  ? -4.142  4.399   7.953   1.00 0.00 ? 6  A A "C3'"  1 
ATOM 176 O "O3'"  . A A 1 6  ? -5.110  5.373   8.331   1.00 0.00 ? 6  A A "O3'"  1 
ATOM 177 C "C2'"  . A A 1 6  ? -2.731  4.979   7.781   1.00 0.00 ? 6  A A "C2'"  1 
ATOM 178 O "O2'"  . A A 1 6  ? -2.374  5.888   8.824   1.00 0.00 ? 6  A A "O2'"  1 
ATOM 179 C "C1'"  . A A 1 6  ? -1.862  3.726   7.937   1.00 0.00 ? 6  A A "C1'"  1 
ATOM 180 N N9     . A A 1 6  ? -1.609  3.061   6.633   1.00 0.00 ? 6  A A N9     1 
ATOM 181 C C8     . A A 1 6  ? -2.195  1.933   6.104   1.00 0.00 ? 6  A A C8     1 
ATOM 182 N N7     . A A 1 6  ? -1.678  1.537   4.968   1.00 0.00 ? 6  A A N7     1 
ATOM 183 C C5     . A A 1 6  ? -0.678  2.491   4.723   1.00 0.00 ? 6  A A C5     1 
ATOM 184 C C6     . A A 1 6  ? 0.292   2.692   3.706   1.00 0.00 ? 6  A A C6     1 
ATOM 185 N N6     . A A 1 6  ? 0.469   1.905   2.662   1.00 0.00 ? 6  A A N6     1 
ATOM 186 N N1     . A A 1 6  ? 1.132   3.727   3.749   1.00 0.00 ? 6  A A N1     1 
ATOM 187 C C2     . A A 1 6  ? 1.037   4.560   4.777   1.00 0.00 ? 6  A A C2     1 
ATOM 188 N N3     . A A 1 6  ? 0.200   4.497   5.808   1.00 0.00 ? 6  A A N3     1 
ATOM 189 C C4     . A A 1 6  ? -0.643  3.429   5.721   1.00 0.00 ? 6  A A C4     1 
ATOM 190 H "H5'"  . A A 1 6  ? -4.717  1.687   10.065  1.00 0.00 ? 6  A A "H5'"  1 
ATOM 191 H "H5''" . A A 1 6  ? -5.905  2.774   9.346   1.00 0.00 ? 6  A A "H5''" 1 
ATOM 192 H "H4'"  . A A 1 6  ? -3.828  3.929   10.005  1.00 0.00 ? 6  A A "H4'"  1 
ATOM 193 H "H3'"  . A A 1 6  ? -4.437  3.870   7.045   1.00 0.00 ? 6  A A "H3'"  1 
ATOM 194 H "H2'"  . A A 1 6  ? -2.604  5.440   6.801   1.00 0.00 ? 6  A A "H2'"  1 
ATOM 195 H "HO2'" . A A 1 6  ? -3.117  6.505   8.962   1.00 0.00 ? 6  A A "HO2'" 1 
ATOM 196 H "H1'"  . A A 1 6  ? -0.900  4.014   8.367   1.00 0.00 ? 6  A A "H1'"  1 
ATOM 197 H H8     . A A 1 6  ? -3.001  1.410   6.600   1.00 0.00 ? 6  A A H8     1 
ATOM 198 H H61    . A A 1 6  ? 1.193   2.125   1.988   1.00 0.00 ? 6  A A H61    1 
ATOM 199 H H62    . A A 1 6  ? -0.108  1.084   2.563   1.00 0.00 ? 6  A A H62    1 
ATOM 200 H H2     . A A 1 6  ? 1.734   5.389   4.782   1.00 0.00 ? 6  A A H2     1 
ATOM 201 P P      . C A 1 7  ? -5.999  6.136   7.235   1.00 0.00 ? 7  C A P      1 
ATOM 202 O OP1    . C A 1 7  ? -6.933  7.035   7.957   1.00 0.00 ? 7  C A OP1    1 
ATOM 203 O OP2    . C A 1 7  ? -6.559  5.124   6.307   1.00 0.00 ? 7  C A OP2    1 
ATOM 204 O "O5'"  . C A 1 7  ? -4.955  7.036   6.410   1.00 0.00 ? 7  C A "O5'"  1 
ATOM 205 C "C5'"  . C A 1 7  ? -4.395  8.220   6.959   1.00 0.00 ? 7  C A "C5'"  1 
ATOM 206 C "C4'"  . C A 1 7  ? -3.288  8.795   6.063   1.00 0.00 ? 7  C A "C4'"  1 
ATOM 207 O "O4'"  . C A 1 7  ? -2.223  7.865   5.858   1.00 0.00 ? 7  C A "O4'"  1 
ATOM 208 C "C3'"  . C A 1 7  ? -3.761  9.227   4.671   1.00 0.00 ? 7  C A "C3'"  1 
ATOM 209 O "O3'"  . C A 1 7  ? -4.447  10.475  4.661   1.00 0.00 ? 7  C A "O3'"  1 
ATOM 210 C "C2'"  . C A 1 7  ? -2.402  9.281   3.962   1.00 0.00 ? 7  C A "C2'"  1 
ATOM 211 O "O2'"  . C A 1 7  ? -1.634  10.431  4.320   1.00 0.00 ? 7  C A "O2'"  1 
ATOM 212 C "C1'"  . C A 1 7  ? -1.691  8.053   4.545   1.00 0.00 ? 7  C A "C1'"  1 
ATOM 213 N N1     . C A 1 7  ? -1.877  6.846   3.679   1.00 0.00 ? 7  C A N1     1 
ATOM 214 C C2     . C A 1 7  ? -1.037  6.686   2.570   1.00 0.00 ? 7  C A C2     1 
ATOM 215 O O2     . C A 1 7  ? -0.205  7.536   2.253   1.00 0.00 ? 7  C A O2     1 
ATOM 216 N N3     . C A 1 7  ? -1.117  5.582   1.790   1.00 0.00 ? 7  C A N3     1 
ATOM 217 C C4     . C A 1 7  ? -2.013  4.663   2.085   1.00 0.00 ? 7  C A C4     1 
ATOM 218 N N4     . C A 1 7  ? -2.037  3.616   1.313   1.00 0.00 ? 7  C A N4     1 
ATOM 219 C C5     . C A 1 7  ? -2.917  4.777   3.174   1.00 0.00 ? 7  C A C5     1 
ATOM 220 C C6     . C A 1 7  ? -2.826  5.886   3.947   1.00 0.00 ? 7  C A C6     1 
ATOM 221 H "H5'"  . C A 1 7  ? -3.970  8.011   7.941   1.00 0.00 ? 7  C A "H5'"  1 
ATOM 222 H "H5''" . C A 1 7  ? -5.175  8.974   7.080   1.00 0.00 ? 7  C A "H5''" 1 
ATOM 223 H "H4'"  . C A 1 7  ? -2.879  9.676   6.559   1.00 0.00 ? 7  C A "H4'"  1 
ATOM 224 H "H3'"  . C A 1 7  ? -4.372  8.431   4.239   1.00 0.00 ? 7  C A "H3'"  1 
ATOM 225 H "H2'"  . C A 1 7  ? -2.514  9.209   2.881   1.00 0.00 ? 7  C A "H2'"  1 
ATOM 226 H "HO2'" . C A 1 7  ? -2.209  11.217  4.257   1.00 0.00 ? 7  C A "HO2'" 1 
ATOM 227 H "H1'"  . C A 1 7  ? -0.621  8.272   4.607   1.00 0.00 ? 7  C A "H1'"  1 
ATOM 228 H H41    . C A 1 7  ? -1.382  3.585   0.539   1.00 0.00 ? 7  C A H41    1 
ATOM 229 H H42    . C A 1 7  ? -2.691  2.875   1.489   1.00 0.00 ? 7  C A H42    1 
ATOM 230 H H5     . C A 1 7  ? -3.657  4.022   3.396   1.00 0.00 ? 7  C A H5     1 
ATOM 231 H H6     . C A 1 7  ? -3.498  6.014   4.784   1.00 0.00 ? 7  C A H6     1 
ATOM 232 P P      . C A 1 8  ? -5.471  10.855  3.480   1.00 0.00 ? 8  C A P      1 
ATOM 233 O OP1    . C A 1 8  ? -6.047  12.185  3.798   1.00 0.00 ? 8  C A OP1    1 
ATOM 234 O OP2    . C A 1 8  ? -6.392  9.711   3.282   1.00 0.00 ? 8  C A OP2    1 
ATOM 235 O "O5'"  . C A 1 8  ? -4.568  10.992  2.157   1.00 0.00 ? 8  C A "O5'"  1 
ATOM 236 C "C5'"  . C A 1 8  ? -3.715  12.110  1.948   1.00 0.00 ? 8  C A "C5'"  1 
ATOM 237 C "C4'"  . C A 1 8  ? -2.777  11.897  0.751   1.00 0.00 ? 8  C A "C4'"  1 
ATOM 238 O "O4'"  . C A 1 8  ? -2.028  10.687  0.875   1.00 0.00 ? 8  C A "O4'"  1 
ATOM 239 C "C3'"  . C A 1 8  ? -3.474  11.849  -0.611  1.00 0.00 ? 8  C A "C3'"  1 
ATOM 240 O "O3'"  . C A 1 8  ? -3.775  13.131  -1.155  1.00 0.00 ? 8  C A "O3'"  1 
ATOM 241 C "C2'"  . C A 1 8  ? -2.382  11.142  -1.422  1.00 0.00 ? 8  C A "C2'"  1 
ATOM 242 O "O2'"  . C A 1 8  ? -1.308  12.015  -1.776  1.00 0.00 ? 8  C A "O2'"  1 
ATOM 243 C "C1'"  . C A 1 8  ? -1.826  10.127  -0.422  1.00 0.00 ? 8  C A "C1'"  1 
ATOM 244 N N1     . C A 1 8  ? -2.467  8.789   -0.587  1.00 0.00 ? 8  C A N1     1 
ATOM 245 C C2     . C A 1 8  ? -2.044  7.987   -1.654  1.00 0.00 ? 8  C A C2     1 
ATOM 246 O O2     . C A 1 8  ? -1.268  8.395   -2.515  1.00 0.00 ? 8  C A O2     1 
ATOM 247 N N3     . C A 1 8  ? -2.483  6.716   -1.785  1.00 0.00 ? 8  C A N3     1 
ATOM 248 C C4     . C A 1 8  ? -3.333  6.247   -0.898  1.00 0.00 ? 8  C A C4     1 
ATOM 249 N N4     . C A 1 8  ? -3.708  5.016   -1.088  1.00 0.00 ? 8  C A N4     1 
ATOM 250 C C5     . C A 1 8  ? -3.860  7.026   0.166   1.00 0.00 ? 8  C A C5     1 
ATOM 251 C C6     . C A 1 8  ? -3.408  8.300   0.290   1.00 0.00 ? 8  C A C6     1 
ATOM 252 H "H5'"  . C A 1 8  ? -3.106  12.279  2.836   1.00 0.00 ? 8  C A "H5'"  1 
ATOM 253 H "H5''" . C A 1 8  ? -4.315  13.005  1.774   1.00 0.00 ? 8  C A "H5''" 1 
ATOM 254 H "H4'"  . C A 1 8  ? -2.071  12.730  0.725   1.00 0.00 ? 8  C A "H4'"  1 
ATOM 255 H "H3'"  . C A 1 8  ? -4.363  11.217  -0.544  1.00 0.00 ? 8  C A "H3'"  1 
ATOM 256 H "H2'"  . C A 1 8  ? -2.805  10.656  -2.303  1.00 0.00 ? 8  C A "H2'"  1 
ATOM 257 H "HO2'" . C A 1 8  ? -1.684  12.889  -1.997  1.00 0.00 ? 8  C A "HO2'" 1 
ATOM 258 H "H1'"  . C A 1 8  ? -0.754  10.016  -0.612  1.00 0.00 ? 8  C A "H1'"  1 
ATOM 259 H H41    . C A 1 8  ? -3.295  4.515   -1.866  1.00 0.00 ? 8  C A H41    1 
ATOM 260 H H42    . C A 1 8  ? -4.393  4.601   -0.482  1.00 0.00 ? 8  C A H42    1 
ATOM 261 H H5     . C A 1 8  ? -4.590  6.641   0.862   1.00 0.00 ? 8  C A H5     1 
ATOM 262 H H6     . C A 1 8  ? -3.782  8.932   1.083   1.00 0.00 ? 8  C A H6     1 
ATOM 263 P P      . U A 1 9  ? -4.928  13.319  -2.256  1.00 0.00 ? 9  U A P      1 
ATOM 264 O OP1    . U A 1 9  ? -4.885  14.731  -2.711  1.00 0.00 ? 9  U A OP1    1 
ATOM 265 O OP2    . U A 1 9  ? -6.190  12.799  -1.676  1.00 0.00 ? 9  U A OP2    1 
ATOM 266 O "O5'"  . U A 1 9  ? -4.535  12.366  -3.494  1.00 0.00 ? 9  U A "O5'"  1 
ATOM 267 C "C5'"  . U A 1 9  ? -3.487  12.686  -4.404  1.00 0.00 ? 9  U A "C5'"  1 
ATOM 268 C "C4'"  . U A 1 9  ? -3.251  11.547  -5.410  1.00 0.00 ? 9  U A "C4'"  1 
ATOM 269 O "O4'"  . U A 1 9  ? -2.983  10.306  -4.765  1.00 0.00 ? 9  U A "O4'"  1 
ATOM 270 C "C3'"  . U A 1 9  ? -4.431  11.337  -6.361  1.00 0.00 ? 9  U A "C3'"  1 
ATOM 271 O "O3'"  . U A 1 9  ? -4.314  12.192  -7.496  1.00 0.00 ? 9  U A "O3'"  1 
ATOM 272 C "C2'"  . U A 1 9  ? -4.276  9.854   -6.729  1.00 0.00 ? 9  U A "C2'"  1 
ATOM 273 O "O2'"  . U A 1 9  ? -3.389  9.670   -7.832  1.00 0.00 ? 9  U A "O2'"  1 
ATOM 274 C "C1'"  . U A 1 9  ? -3.597  9.245   -5.492  1.00 0.00 ? 9  U A "C1'"  1 
ATOM 275 N N1     . U A 1 9  ? -4.515  8.440   -4.628  1.00 0.00 ? 9  U A N1     1 
ATOM 276 C C2     . U A 1 9  ? -4.693  7.090   -4.954  1.00 0.00 ? 9  U A C2     1 
ATOM 277 O O2     . U A 1 9  ? -4.243  6.588   -5.984  1.00 0.00 ? 9  U A O2     1 
ATOM 278 N N3     . U A 1 9  ? -5.400  6.300   -4.066  1.00 0.00 ? 9  U A N3     1 
ATOM 279 C C4     . U A 1 9  ? -5.955  6.742   -2.886  1.00 0.00 ? 9  U A C4     1 
ATOM 280 O O4     . U A 1 9  ? -6.537  5.954   -2.146  1.00 0.00 ? 9  U A O4     1 
ATOM 281 C C5     . U A 1 9  ? -5.772  8.155   -2.628  1.00 0.00 ? 9  U A C5     1 
ATOM 282 C C6     . U A 1 9  ? -5.082  8.954   -3.482  1.00 0.00 ? 9  U A C6     1 
ATOM 283 H "H5'"  . U A 1 9  ? -2.561  12.868  -3.861  1.00 0.00 ? 9  U A "H5'"  1 
ATOM 284 H "H5''" . U A 1 9  ? -3.741  13.595  -4.953  1.00 0.00 ? 9  U A "H5''" 1 
ATOM 285 H "H4'"  . U A 1 9  ? -2.382  11.801  -6.021  1.00 0.00 ? 9  U A "H4'"  1 
ATOM 286 H "H3'"  . U A 1 9  ? -5.369  11.486  -5.822  1.00 0.00 ? 9  U A "H3'"  1 
ATOM 287 H "H2'"  . U A 1 9  ? -5.247  9.396   -6.931  1.00 0.00 ? 9  U A "H2'"  1 
ATOM 288 H "HO2'" . U A 1 9  ? -3.492  10.438  -8.426  1.00 0.00 ? 9  U A "HO2'" 1 
ATOM 289 H "H1'"  . U A 1 9  ? -2.815  8.574   -5.852  1.00 0.00 ? 9  U A "H1'"  1 
ATOM 290 H H3     . U A 1 9  ? -5.492  5.312   -4.265  1.00 0.00 ? 9  U A H3     1 
ATOM 291 H H5     . U A 1 9  ? -6.189  8.571   -1.722  1.00 0.00 ? 9  U A H5     1 
ATOM 292 H H6     . U A 1 9  ? -4.953  10.002  -3.248  1.00 0.00 ? 9  U A H6     1 
ATOM 293 P P      . G A 1 10 ? -5.598  12.828  -8.206  1.00 0.00 ? 10 G A P      1 
ATOM 294 O OP1    . G A 1 10 ? -5.124  13.679  -9.326  1.00 0.00 ? 10 G A OP1    1 
ATOM 295 O OP2    . G A 1 10 ? -6.451  13.439  -7.158  1.00 0.00 ? 10 G A OP2    1 
ATOM 296 O "O5'"  . G A 1 10 ? -6.391  11.573  -8.810  1.00 0.00 ? 10 G A "O5'"  1 
ATOM 297 C "C5'"  . G A 1 10 ? -6.032  10.944  -10.034 1.00 0.00 ? 10 G A "C5'"  1 
ATOM 298 C "C4'"  . G A 1 10 ? -7.002  9.802   -10.409 1.00 0.00 ? 10 G A "C4'"  1 
ATOM 299 O "O4'"  . G A 1 10 ? -6.973  8.786   -9.402  1.00 0.00 ? 10 G A "O4'"  1 
ATOM 300 C "C3'"  . G A 1 10 ? -8.469  10.248  -10.561 1.00 0.00 ? 10 G A "C3'"  1 
ATOM 301 O "O3'"  . G A 1 10 ? -9.183  9.366   -11.430 1.00 0.00 ? 10 G A "O3'"  1 
ATOM 302 C "C2'"  . G A 1 10 ? -8.953  10.068  -9.116  1.00 0.00 ? 10 G A "C2'"  1 
ATOM 303 O "O2'"  . G A 1 10 ? -10.365 10.035  -8.956  1.00 0.00 ? 10 G A "O2'"  1 
ATOM 304 C "C1'"  . G A 1 10 ? -8.258  8.743   -8.785  1.00 0.00 ? 10 G A "C1'"  1 
ATOM 305 N N9     . G A 1 10 ? -8.197  8.436   -7.335  1.00 0.00 ? 10 G A N9     1 
ATOM 306 C C8     . G A 1 10 ? -8.265  9.297   -6.268  1.00 0.00 ? 10 G A C8     1 
ATOM 307 N N7     . G A 1 10 ? -8.516  8.718   -5.121  1.00 0.00 ? 10 G A N7     1 
ATOM 308 C C5     . G A 1 10 ? -8.596  7.357   -5.451  1.00 0.00 ? 10 G A C5     1 
ATOM 309 C C6     . G A 1 10 ? -8.918  6.194   -4.661  1.00 0.00 ? 10 G A C6     1 
ATOM 310 O O6     . G A 1 10 ? -9.273  6.128   -3.483  1.00 0.00 ? 10 G A O6     1 
ATOM 311 N N1     . G A 1 10 ? -8.821  5.006   -5.362  1.00 0.00 ? 10 G A N1     1 
ATOM 312 C C2     . G A 1 10 ? -8.515  4.936   -6.682  1.00 0.00 ? 10 G A C2     1 
ATOM 313 N N2     . G A 1 10 ? -8.456  3.747   -7.225  1.00 0.00 ? 10 G A N2     1 
ATOM 314 N N3     . G A 1 10 ? -8.279  5.987   -7.465  1.00 0.00 ? 10 G A N3     1 
ATOM 315 C C4     . G A 1 10 ? -8.327  7.177   -6.792  1.00 0.00 ? 10 G A C4     1 
ATOM 316 H "H5'"  . G A 1 10 ? -5.023  10.537  -9.958  1.00 0.00 ? 10 G A "H5'"  1 
ATOM 317 H "H5''" . G A 1 10 ? -6.043  11.681  -10.840 1.00 0.00 ? 10 G A "H5''" 1 
ATOM 318 H "H4'"  . G A 1 10 ? -6.668  9.390   -11.359 1.00 0.00 ? 10 G A "H4'"  1 
ATOM 319 H "H3'"  . G A 1 10 ? -8.550  11.290  -10.877 1.00 0.00 ? 10 G A "H3'"  1 
ATOM 320 H "H2'"  . G A 1 10 ? -8.556  10.867  -8.496  1.00 0.00 ? 10 G A "H2'"  1 
ATOM 321 H "HO2'" . G A 1 10 ? -10.737 10.905  -9.207  1.00 0.00 ? 10 G A "HO2'" 1 
ATOM 322 H "H1'"  . G A 1 10 ? -8.848  7.962   -9.262  1.00 0.00 ? 10 G A "H1'"  1 
ATOM 323 H H8     . G A 1 10 ? -8.148  10.366  -6.381  1.00 0.00 ? 10 G A H8     1 
ATOM 324 H H1     . G A 1 10 ? -9.002  4.159   -4.856  1.00 0.00 ? 10 G A H1     1 
ATOM 325 H H21    . G A 1 10 ? -8.212  3.683   -8.204  1.00 0.00 ? 10 G A H21    1 
ATOM 326 H H22    . G A 1 10 ? -8.619  2.915   -6.684  1.00 0.00 ? 10 G A H22    1 
ATOM 327 P P      . A A 1 11 ? -9.263  9.614   -13.009 1.00 0.00 ? 11 A A P      1 
ATOM 328 O OP1    . A A 1 11 ? -7.956  9.272   -13.620 1.00 0.00 ? 11 A A OP1    1 
ATOM 329 O OP2    . A A 1 11 ? -9.829  10.966  -13.231 1.00 0.00 ? 11 A A OP2    1 
ATOM 330 O "O5'"  . A A 1 11 ? -10.372 8.539   -13.474 1.00 0.00 ? 11 A A "O5'"  1 
ATOM 331 C "C5'"  . A A 1 11 ? -10.061 7.170   -13.712 1.00 0.00 ? 11 A A "C5'"  1 
ATOM 332 C "C4'"  . A A 1 11 ? -11.244 6.193   -13.502 1.00 0.00 ? 11 A A "C4'"  1 
ATOM 333 O "O4'"  . A A 1 11 ? -11.473 5.956   -12.120 1.00 0.00 ? 11 A A "O4'"  1 
ATOM 334 C "C3'"  . A A 1 11 ? -12.585 6.702   -14.058 1.00 0.00 ? 11 A A "C3'"  1 
ATOM 335 O "O3'"  . A A 1 11 ? -13.549 5.678   -14.375 1.00 0.00 ? 11 A A "O3'"  1 
ATOM 336 C "C2'"  . A A 1 11 ? -13.122 7.476   -12.834 1.00 0.00 ? 11 A A "C2'"  1 
ATOM 337 O "O2'"  . A A 1 11 ? -14.514 7.780   -12.903 1.00 0.00 ? 11 A A "O2'"  1 
ATOM 338 C "C1'"  . A A 1 11 ? -12.788 6.392   -11.816 1.00 0.00 ? 11 A A "C1'"  1 
ATOM 339 N N9     . A A 1 11 ? -12.888 6.716   -10.378 1.00 0.00 ? 11 A A N9     1 
ATOM 340 C C8     . A A 1 11 ? -12.495 7.848   -9.710  1.00 0.00 ? 11 A A C8     1 
ATOM 341 N N7     . A A 1 11 ? -12.715 7.813   -8.417  1.00 0.00 ? 11 A A N7     1 
ATOM 342 C C5     . A A 1 11 ? -13.273 6.540   -8.223  1.00 0.00 ? 11 A A C5     1 
ATOM 343 C C6     . A A 1 11 ? -13.728 5.800   -7.098  1.00 0.00 ? 11 A A C6     1 
ATOM 344 N N6     . A A 1 11 ? -13.721 6.227   -5.847  1.00 0.00 ? 11 A A N6     1 
ATOM 345 N N1     . A A 1 11 ? -14.206 4.561   -7.230  1.00 0.00 ? 11 A A N1     1 
ATOM 346 C C2     . A A 1 11 ? -14.244 4.038   -8.451  1.00 0.00 ? 11 A A C2     1 
ATOM 347 N N3     . A A 1 11 ? -13.857 4.600   -9.595  1.00 0.00 ? 11 A A N3     1 
ATOM 348 C C4     . A A 1 11 ? -13.376 5.865   -9.411  1.00 0.00 ? 11 A A C4     1 
ATOM 349 H "H5'"  . A A 1 11 ? -9.252  6.861   -13.057 1.00 0.00 ? 11 A A "H5'"  1 
ATOM 350 H "H5''" . A A 1 11 ? -9.707  7.071   -14.740 1.00 0.00 ? 11 A A "H5''" 1 
ATOM 351 H "H4'"  . A A 1 11 ? -10.968 5.262   -13.989 1.00 0.00 ? 11 A A "H4'"  1 
ATOM 352 H "H3'"  . A A 1 11 ? -12.397 7.348   -14.902 1.00 0.00 ? 11 A A "H3'"  1 
ATOM 353 H "H2'"  . A A 1 11 ? -12.542 8.376   -12.633 1.00 0.00 ? 11 A A "H2'"  1 
ATOM 354 H "HO2'" . A A 1 11 ? -14.954 7.065   -13.409 1.00 0.00 ? 11 A A "HO2'" 1 
ATOM 355 H "H1'"  . A A 1 11 ? -13.502 5.608   -12.047 1.00 0.00 ? 11 A A "H1'"  1 
ATOM 356 H H8     . A A 1 11 ? -12.023 8.678   -10.219 1.00 0.00 ? 11 A A H8     1 
ATOM 357 H H61    . A A 1 11 ? -14.066 5.612   -5.127  1.00 0.00 ? 11 A A H61    1 
ATOM 358 H H62    . A A 1 11 ? -13.377 7.154   -5.642  1.00 0.00 ? 11 A A H62    1 
ATOM 359 H H2     . A A 1 11 ? -14.638 3.033   -8.525  1.00 0.00 ? 11 A A H2     1 
ATOM 360 P P      . A A 1 12 ? -13.240 4.375   -15.261 1.00 0.00 ? 12 A A P      1 
ATOM 361 O OP1    . A A 1 12 ? -12.144 4.694   -16.208 1.00 0.00 ? 12 A A OP1    1 
ATOM 362 O OP2    . A A 1 12 ? -14.537 3.896   -15.801 1.00 0.00 ? 12 A A OP2    1 
ATOM 363 O "O5'"  . A A 1 12 ? -12.712 3.279   -14.194 1.00 0.00 ? 12 A A "O5'"  1 
ATOM 364 C "C5'"  . A A 1 12 ? -12.566 1.907   -14.566 1.00 0.00 ? 12 A A "C5'"  1 
ATOM 365 C "C4'"  . A A 1 12 ? -11.591 1.118   -13.668 1.00 0.00 ? 12 A A "C4'"  1 
ATOM 366 O "O4'"  . A A 1 12 ? -10.388 1.864   -13.573 1.00 0.00 ? 12 A A "O4'"  1 
ATOM 367 C "C3'"  . A A 1 12 ? -12.068 0.762   -12.248 1.00 0.00 ? 12 A A "C3'"  1 
ATOM 368 O "O3'"  . A A 1 12 ? -11.879 -0.611  -11.975 1.00 0.00 ? 12 A A "O3'"  1 
ATOM 369 C "C2'"  . A A 1 12 ? -11.129 1.552   -11.353 1.00 0.00 ? 12 A A "C2'"  1 
ATOM 370 O "O2'"  . A A 1 12 ? -10.839 0.879   -10.142 1.00 0.00 ? 12 A A "O2'"  1 
ATOM 371 C "C1'"  . A A 1 12 ? -9.914  1.843   -12.241 1.00 0.00 ? 12 A A "C1'"  1 
ATOM 372 N N9     . A A 1 12 ? -9.315  3.173   -11.904 1.00 0.00 ? 12 A A N9     1 
ATOM 373 C C8     . A A 1 12 ? -9.577  4.018   -10.844 1.00 0.00 ? 12 A A C8     1 
ATOM 374 N N7     . A A 1 12 ? -8.751  5.023   -10.720 1.00 0.00 ? 12 A A N7     1 
ATOM 375 C C5     . A A 1 12 ? -7.965  4.912   -11.872 1.00 0.00 ? 12 A A C5     1 
ATOM 376 C C6     . A A 1 12 ? -6.943  5.702   -12.460 1.00 0.00 ? 12 A A C6     1 
ATOM 377 N N6     . A A 1 12 ? -6.390  6.768   -11.914 1.00 0.00 ? 12 A A N6     1 
ATOM 378 N N1     . A A 1 12 ? -6.516  5.460   -13.701 1.00 0.00 ? 12 A A N1     1 
ATOM 379 C C2     . A A 1 12 ? -7.033  4.414   -14.331 1.00 0.00 ? 12 A A C2     1 
ATOM 380 N N3     . A A 1 12 ? -7.912  3.530   -13.881 1.00 0.00 ? 12 A A N3     1 
ATOM 381 C C4     . A A 1 12 ? -8.361  3.845   -12.636 1.00 0.00 ? 12 A A C4     1 
ATOM 382 H "H5'"  . A A 1 12 ? -12.174 1.860   -15.583 1.00 0.00 ? 12 A A "H5'"  1 
ATOM 383 H "H5''" . A A 1 12 ? -13.540 1.414   -14.562 1.00 0.00 ? 12 A A "H5''" 1 
ATOM 384 H "H4'"  . A A 1 12 ? -11.352 0.171   -14.156 1.00 0.00 ? 12 A A "H4'"  1 
ATOM 385 H "H3'"  . A A 1 12 ? -13.084 1.069   -12.028 1.00 0.00 ? 12 A A "H3'"  1 
ATOM 386 H "H2'"  . A A 1 12 ? -11.633 2.466   -11.099 1.00 0.00 ? 12 A A "H2'"  1 
ATOM 387 H "HO2'" . A A 1 12 ? -11.123 -0.045  -10.287 1.00 0.00 ? 12 A A "HO2'" 1 
ATOM 388 H "H1'"  . A A 1 12 ? -9.194  1.011   -12.169 1.00 0.00 ? 12 A A "H1'"  1 
ATOM 389 H H8     . A A 1 12 ? -10.432 3.901   -10.194 1.00 0.00 ? 12 A A H8     1 
ATOM 390 H H61    . A A 1 12 ? -5.726  7.289   -12.459 1.00 0.00 ? 12 A A H61    1 
ATOM 391 H H62    . A A 1 12 ? -6.684  7.061   -10.992 1.00 0.00 ? 12 A A H62    1 
ATOM 392 H H2     . A A 1 12 ? -6.738  4.272   -15.355 1.00 0.00 ? 12 A A H2     1 
ATOM 393 P P      . G A 1 13 ? -12.909 -1.708  -12.482 1.00 0.00 ? 13 G A P      1 
ATOM 394 O OP1    . G A 1 13 ? -12.962 -1.710  -13.964 1.00 0.00 ? 13 G A OP1    1 
ATOM 395 O OP2    . G A 1 13 ? -14.164 -1.578  -11.704 1.00 0.00 ? 13 G A OP2    1 
ATOM 396 O "O5'"  . G A 1 13 ? -12.131 -3.008  -11.983 1.00 0.00 ? 13 G A "O5'"  1 
ATOM 397 C "C5'"  . G A 1 13 ? -10.826 -3.329  -12.456 1.00 0.00 ? 13 G A "C5'"  1 
ATOM 398 C "C4'"  . G A 1 13 ? -9.712  -3.355  -11.395 1.00 0.00 ? 13 G A "C4'"  1 
ATOM 399 O "O4'"  . G A 1 13 ? -9.131  -2.069  -11.572 1.00 0.00 ? 13 G A "O4'"  1 
ATOM 400 C "C3'"  . G A 1 13 ? -10.187 -3.473  -9.926  1.00 0.00 ? 13 G A "C3'"  1 
ATOM 401 O "O3'"  . G A 1 13 ? -9.735  -4.588  -9.176  1.00 0.00 ? 13 G A "O3'"  1 
ATOM 402 C "C2'"  . G A 1 13 ? -9.432  -2.263  -9.326  1.00 0.00 ? 13 G A "C2'"  1 
ATOM 403 O "O2'"  . G A 1 13 ? -8.761  -2.452  -8.080  1.00 0.00 ? 13 G A "O2'"  1 
ATOM 404 C "C1'"  . G A 1 13 ? -8.425  -1.833  -10.400 1.00 0.00 ? 13 G A "C1'"  1 
ATOM 405 N N9     . G A 1 13 ? -7.923  -0.449  -10.248 1.00 0.00 ? 13 G A N9     1 
ATOM 406 C C8     . G A 1 13 ? -8.137  0.415   -9.207  1.00 0.00 ? 13 G A C8     1 
ATOM 407 N N7     . G A 1 13 ? -7.494  1.554   -9.310  1.00 0.00 ? 13 G A N7     1 
ATOM 408 C C5     . G A 1 13 ? -6.771  1.418   -10.505 1.00 0.00 ? 13 G A C5     1 
ATOM 409 C C6     . G A 1 13 ? -5.857  2.303   -11.191 1.00 0.00 ? 13 G A C6     1 
ATOM 410 O O6     . G A 1 13 ? -5.506  3.446   -10.904 1.00 0.00 ? 13 G A O6     1 
ATOM 411 N N1     . G A 1 13 ? -5.322  1.764   -12.345 1.00 0.00 ? 13 G A N1     1 
ATOM 412 C C2     . G A 1 13 ? -5.638  0.532   -12.816 1.00 0.00 ? 13 G A C2     1 
ATOM 413 N N2     . G A 1 13 ? -5.082  0.147   -13.937 1.00 0.00 ? 13 G A N2     1 
ATOM 414 N N3     . G A 1 13 ? -6.483  -0.312  -12.229 1.00 0.00 ? 13 G A N3     1 
ATOM 415 C C4     . G A 1 13 ? -7.021  0.184   -11.073 1.00 0.00 ? 13 G A C4     1 
ATOM 416 H "H5'"  . G A 1 13 ? -10.539 -2.679  -13.286 1.00 0.00 ? 13 G A "H5'"  1 
ATOM 417 H "H5''" . G A 1 13 ? -10.855 -4.323  -12.852 1.00 0.00 ? 13 G A "H5''" 1 
ATOM 418 H "H4'"  . G A 1 13 ? -8.946  -4.105  -11.590 1.00 0.00 ? 13 G A "H4'"  1 
ATOM 419 H "H3'"  . G A 1 13 ? -11.264 -3.333  -9.844  1.00 0.00 ? 13 G A "H3'"  1 
ATOM 420 H "H2'"  . G A 1 13 ? -10.180 -1.498  -9.202  1.00 0.00 ? 13 G A "H2'"  1 
ATOM 421 H "HO2'" . G A 1 13 ? -9.436  -2.738  -7.434  1.00 0.00 ? 13 G A "HO2'" 1 
ATOM 422 H "H1'"  . G A 1 13 ? -7.574  -2.498  -10.451 1.00 0.00 ? 13 G A "H1'"  1 
ATOM 423 H H8     . G A 1 13 ? -8.835  0.154   -8.412  1.00 0.00 ? 13 G A H8     1 
ATOM 424 H H1     . G A 1 13 ? -4.665  2.327   -12.850 1.00 0.00 ? 13 G A H1     1 
ATOM 425 H H21    . G A 1 13 ? -5.317  -0.770  -14.284 1.00 0.00 ? 13 G A H21    1 
ATOM 426 H H22    . G A 1 13 ? -4.421  0.733   -14.423 1.00 0.00 ? 13 G A H22    1 
ATOM 427 P P      . U A 1 14 ? -10.664 -5.094  -7.954  1.00 0.00 ? 14 U A P      1 
ATOM 428 O OP1    . U A 1 14 ? -11.611 -6.095  -8.501  1.00 0.00 ? 14 U A OP1    1 
ATOM 429 O OP2    . U A 1 14 ? -11.198 -3.922  -7.217  1.00 0.00 ? 14 U A OP2    1 
ATOM 430 O "O5'"  . U A 1 14 ? -9.631  -5.865  -7.004  1.00 0.00 ? 14 U A "O5'"  1 
ATOM 431 C "C5'"  . U A 1 14 ? -8.932  -5.236  -5.937  1.00 0.00 ? 14 U A "C5'"  1 
ATOM 432 C "C4'"  . U A 1 14 ? -7.507  -5.799  -5.774  1.00 0.00 ? 14 U A "C4'"  1 
ATOM 433 O "O4'"  . U A 1 14 ? -7.485  -7.205  -6.040  1.00 0.00 ? 14 U A "O4'"  1 
ATOM 434 C "C3'"  . U A 1 14 ? -6.471  -5.185  -6.725  1.00 0.00 ? 14 U A "C3'"  1 
ATOM 435 O "O3'"  . U A 1 14 ? -5.186  -5.448  -6.164  1.00 0.00 ? 14 U A "O3'"  1 
ATOM 436 C "C2'"  . U A 1 14 ? -6.665  -6.046  -7.962  1.00 0.00 ? 14 U A "C2'"  1 
ATOM 437 O "O2'"  . U A 1 14 ? -5.589  -5.984  -8.897  1.00 0.00 ? 14 U A "O2'"  1 
ATOM 438 C "C1'"  . U A 1 14 ? -6.826  -7.404  -7.295  1.00 0.00 ? 14 U A "C1'"  1 
ATOM 439 N N1     . U A 1 14 ? -7.525  -8.412  -8.153  1.00 0.00 ? 14 U A N1     1 
ATOM 440 C C2     . U A 1 14 ? -7.037  -9.726  -8.140  1.00 0.00 ? 14 U A C2     1 
ATOM 441 O O2     . U A 1 14 ? -6.082  -10.098 -7.453  1.00 0.00 ? 14 U A O2     1 
ATOM 442 N N3     . U A 1 14 ? -7.674  -10.642 -8.957  1.00 0.00 ? 14 U A N3     1 
ATOM 443 C C4     . U A 1 14 ? -8.739  -10.377 -9.788  1.00 0.00 ? 14 U A C4     1 
ATOM 444 O O4     . U A 1 14 ? -9.226  -11.276 -10.473 1.00 0.00 ? 14 U A O4     1 
ATOM 445 C C5     . U A 1 14 ? -9.190  -9.003  -9.760  1.00 0.00 ? 14 U A C5     1 
ATOM 446 C C6     . U A 1 14 ? -8.593  -8.075  -8.969  1.00 0.00 ? 14 U A C6     1 
ATOM 447 H "H5'"  . U A 1 14 ? -9.486  -5.406  -5.013  1.00 0.00 ? 14 U A "H5'"  1 
ATOM 448 H "H5''" . U A 1 14 ? -8.859  -4.159  -6.088  1.00 0.00 ? 14 U A "H5''" 1 
ATOM 449 H "H4'"  . U A 1 14 ? -7.186  -5.592  -4.752  1.00 0.00 ? 14 U A "H4'"  1 
ATOM 450 H "H3'"  . U A 1 14 ? -6.671  -4.137  -6.968  1.00 0.00 ? 14 U A "H3'"  1 
ATOM 451 H "H2'"  . U A 1 14 ? -7.595  -5.763  -8.427  1.00 0.00 ? 14 U A "H2'"  1 
ATOM 452 H "HO2'" . U A 1 14 ? -4.781  -5.721  -8.413  1.00 0.00 ? 14 U A "HO2'" 1 
ATOM 453 H "H1'"  . U A 1 14 ? -5.795  -7.691  -7.085  1.00 0.00 ? 14 U A "H1'"  1 
ATOM 454 H H3     . U A 1 14 ? -7.329  -11.585 -8.949  1.00 0.00 ? 14 U A H3     1 
ATOM 455 H H5     . U A 1 14 ? -10.027 -8.710  -10.380 1.00 0.00 ? 14 U A H5     1 
ATOM 456 H H6     . U A 1 14 ? -8.984  -7.061  -8.981  1.00 0.00 ? 14 U A H6     1 
ATOM 457 P P      . G A 1 15 ? -4.181  -4.284  -5.796  1.00 0.00 ? 15 G A P      1 
ATOM 458 O OP1    . G A 1 15 ? -2.972  -4.891  -5.191  1.00 0.00 ? 15 G A OP1    1 
ATOM 459 O OP2    . G A 1 15 ? -4.920  -3.229  -5.063  1.00 0.00 ? 15 G A OP2    1 
ATOM 460 O "O5'"  . G A 1 15 ? -3.828  -3.775  -7.268  1.00 0.00 ? 15 G A "O5'"  1 
ATOM 461 C "C5'"  . G A 1 15 ? -2.777  -2.859  -7.486  1.00 0.00 ? 15 G A "C5'"  1 
ATOM 462 C "C4'"  . G A 1 15 ? -2.812  -2.343  -8.932  1.00 0.00 ? 15 G A "C4'"  1 
ATOM 463 O "O4'"  . G A 1 15 ? -4.083  -1.794  -9.298  1.00 0.00 ? 15 G A "O4'"  1 
ATOM 464 C "C3'"  . G A 1 15 ? -1.768  -1.230  -9.068  1.00 0.00 ? 15 G A "C3'"  1 
ATOM 465 O "O3'"  . G A 1 15 ? -0.630  -1.627  -9.820  1.00 0.00 ? 15 G A "O3'"  1 
ATOM 466 C "C2'"  . G A 1 15 ? -2.546  -0.088  -9.730  1.00 0.00 ? 15 G A "C2'"  1 
ATOM 467 O "O2'"  . G A 1 15 ? -2.485  -0.120  -11.155 1.00 0.00 ? 15 G A "O2'"  1 
ATOM 468 C "C1'"  . G A 1 15 ? -3.990  -0.375  -9.312  1.00 0.00 ? 15 G A "C1'"  1 
ATOM 469 N N9     . G A 1 15 ? -4.400  0.188   -7.996  1.00 0.00 ? 15 G A N9     1 
ATOM 470 C C8     . G A 1 15 ? -5.011  -0.443  -6.930  1.00 0.00 ? 15 G A C8     1 
ATOM 471 N N7     . G A 1 15 ? -5.393  0.373   -5.977  1.00 0.00 ? 15 G A N7     1 
ATOM 472 C C5     . G A 1 15 ? -5.026  1.645   -6.446  1.00 0.00 ? 15 G A C5     1 
ATOM 473 C C6     . G A 1 15 ? -5.189  2.973   -5.892  1.00 0.00 ? 15 G A C6     1 
ATOM 474 O O6     . G A 1 15 ? -5.694  3.350   -4.830  1.00 0.00 ? 15 G A O6     1 
ATOM 475 N N1     . G A 1 15 ? -4.703  3.965   -6.712  1.00 0.00 ? 15 G A N1     1 
ATOM 476 C C2     . G A 1 15 ? -4.128  3.749   -7.913  1.00 0.00 ? 15 G A C2     1 
ATOM 477 N N2     . G A 1 15 ? -3.727  4.816   -8.554  1.00 0.00 ? 15 G A N2     1 
ATOM 478 N N3     . G A 1 15 ? -3.940  2.551   -8.459  1.00 0.00 ? 15 G A N3     1 
ATOM 479 C C4     . G A 1 15 ? -4.415  1.531   -7.680  1.00 0.00 ? 15 G A C4     1 
ATOM 480 H "H5'"  . G A 1 15 ? -1.819  -3.348  -7.303  1.00 0.00 ? 15 G A "H5'"  1 
ATOM 481 H "H5''" . G A 1 15 ? -2.870  -2.021  -6.794  1.00 0.00 ? 15 G A "H5''" 1 
ATOM 482 H "H4'"  . G A 1 15 ? -2.567  -3.161  -9.611  1.00 0.00 ? 15 G A "H4'"  1 
ATOM 483 H "H3'"  . G A 1 15 ? -1.476  -0.896  -8.072  1.00 0.00 ? 15 G A "H3'"  1 
ATOM 484 H "H2'"  . G A 1 15 ? -2.204  0.875   -9.354  1.00 0.00 ? 15 G A "H2'"  1 
ATOM 485 H "HO2'" . G A 1 15 ? -1.584  -0.404  -11.408 1.00 0.00 ? 15 G A "HO2'" 1 
ATOM 486 H "H1'"  . G A 1 15 ? -4.636  0.068   -10.072 1.00 0.00 ? 15 G A "H1'"  1 
ATOM 487 H H8     . G A 1 15 ? -5.156  -1.529  -6.887  1.00 0.00 ? 15 G A H8     1 
ATOM 488 H H1     . G A 1 15 ? -4.756  4.913   -6.387  1.00 0.00 ? 15 G A H1     1 
ATOM 489 H H21    . G A 1 15 ? -3.389  4.693   -9.495  1.00 0.00 ? 15 G A H21    1 
ATOM 490 H H22    . G A 1 15 ? -3.880  5.734   -8.159  1.00 0.00 ? 15 G A H22    1 
ATOM 491 P P      . G A 1 16 ? 0.836   -1.496  -9.196  1.00 0.00 ? 16 G A P      1 
ATOM 492 O OP1    . G A 1 16 ? 1.803   -2.072  -10.163 1.00 0.00 ? 16 G A OP1    1 
ATOM 493 O OP2    . G A 1 16 ? 0.800   -2.024  -7.812  1.00 0.00 ? 16 G A OP2    1 
ATOM 494 O "O5'"  . G A 1 16 ? 1.037   0.097   -9.131  1.00 0.00 ? 16 G A "O5'"  1 
ATOM 495 C "C5'"  . G A 1 16 ? 1.354   0.841   -10.299 1.00 0.00 ? 16 G A "C5'"  1 
ATOM 496 C "C4'"  . G A 1 16 ? 1.389   2.352   -10.042 1.00 0.00 ? 16 G A "C4'"  1 
ATOM 497 O "O4'"  . G A 1 16 ? 0.088   2.877   -9.786  1.00 0.00 ? 16 G A "O4'"  1 
ATOM 498 C "C3'"  . G A 1 16 ? 2.268   2.782   -8.863  1.00 0.00 ? 16 G A "C3'"  1 
ATOM 499 O "O3'"  . G A 1 16 ? 3.663   2.771   -9.139  1.00 0.00 ? 16 G A "O3'"  1 
ATOM 500 C "C2'"  . G A 1 16 ? 1.706   4.192   -8.635  1.00 0.00 ? 16 G A "C2'"  1 
ATOM 501 O "O2'"  . G A 1 16 ? 2.133   5.132   -9.622  1.00 0.00 ? 16 G A "O2'"  1 
ATOM 502 C "C1'"  . G A 1 16 ? 0.207   3.934   -8.832  1.00 0.00 ? 16 G A "C1'"  1 
ATOM 503 N N9     . G A 1 16 ? -0.436  3.544   -7.554  1.00 0.00 ? 16 G A N9     1 
ATOM 504 C C8     . G A 1 16 ? -0.853  2.303   -7.142  1.00 0.00 ? 16 G A C8     1 
ATOM 505 N N7     . G A 1 16 ? -1.456  2.291   -5.981  1.00 0.00 ? 16 G A N7     1 
ATOM 506 C C5     . G A 1 16 ? -1.398  3.631   -5.572  1.00 0.00 ? 16 G A C5     1 
ATOM 507 C C6     . G A 1 16 ? -1.869  4.287   -4.379  1.00 0.00 ? 16 G A C6     1 
ATOM 508 O O6     . G A 1 16 ? -2.497  3.819   -3.428  1.00 0.00 ? 16 G A O6     1 
ATOM 509 N N1     . G A 1 16 ? -1.549  5.630   -4.331  1.00 0.00 ? 16 G A N1     1 
ATOM 510 C C2     . G A 1 16 ? -0.895  6.285   -5.321  1.00 0.00 ? 16 G A C2     1 
ATOM 511 N N2     . G A 1 16 ? -0.599  7.541   -5.119  1.00 0.00 ? 16 G A N2     1 
ATOM 512 N N3     . G A 1 16 ? -0.483  5.733   -6.459  1.00 0.00 ? 16 G A N3     1 
ATOM 513 C C4     . G A 1 16 ? -0.757  4.395   -6.524  1.00 0.00 ? 16 G A C4     1 
ATOM 514 H "H5'"  . G A 1 16 ? 0.618   0.637   -11.080 1.00 0.00 ? 16 G A "H5'"  1 
ATOM 515 H "H5''" . G A 1 16 ? 2.334   0.531   -10.665 1.00 0.00 ? 16 G A "H5''" 1 
ATOM 516 H "H4'"  . G A 1 16 ? 1.776   2.837   -10.940 1.00 0.00 ? 16 G A "H4'"  1 
ATOM 517 H "H3'"  . G A 1 16 ? 2.035   2.156   -7.999  1.00 0.00 ? 16 G A "H3'"  1 
ATOM 518 H "H2'"  . G A 1 16 ? 1.930   4.553   -7.629  1.00 0.00 ? 16 G A "H2'"  1 
ATOM 519 H "HO2'" . G A 1 16 ? 3.103   5.059   -9.721  1.00 0.00 ? 16 G A "HO2'" 1 
ATOM 520 H "H1'"  . G A 1 16 ? -0.280  4.842   -9.197  1.00 0.00 ? 16 G A "H1'"  1 
ATOM 521 H H8     . G A 1 16 ? -0.702  1.422   -7.747  1.00 0.00 ? 16 G A H8     1 
ATOM 522 H H1     . G A 1 16 ? -1.812  6.136   -3.499  1.00 0.00 ? 16 G A H1     1 
ATOM 523 H H21    . G A 1 16 ? -0.812  7.978   -4.224  1.00 0.00 ? 16 G A H21    1 
ATOM 524 H H22    . G A 1 16 ? -0.095  8.030   -5.838  1.00 0.00 ? 16 G A H22    1 
ATOM 525 P P      . G A 1 17 ? 4.734   2.580   -7.957  1.00 0.00 ? 17 G A P      1 
ATOM 526 O OP1    . G A 1 17 ? 6.085   2.586   -8.571  1.00 0.00 ? 17 G A OP1    1 
ATOM 527 O OP2    . G A 1 17 ? 4.327   1.408   -7.146  1.00 0.00 ? 17 G A OP2    1 
ATOM 528 O "O5'"  . G A 1 17 ? 4.580   3.892   -7.038  1.00 0.00 ? 17 G A "O5'"  1 
ATOM 529 C "C5'"  . G A 1 17 ? 5.099   5.148   -7.454  1.00 0.00 ? 17 G A "C5'"  1 
ATOM 530 C "C4'"  . G A 1 17 ? 4.784   6.263   -6.449  1.00 0.00 ? 17 G A "C4'"  1 
ATOM 531 O "O4'"  . G A 1 17 ? 3.381   6.428   -6.250  1.00 0.00 ? 17 G A "O4'"  1 
ATOM 532 C "C3'"  . G A 1 17 ? 5.400   6.059   -5.061  1.00 0.00 ? 17 G A "C3'"  1 
ATOM 533 O "O3'"  . G A 1 17 ? 6.788   6.367   -4.992  1.00 0.00 ? 17 G A "O3'"  1 
ATOM 534 C "C2'"  . G A 1 17 ? 4.536   7.042   -4.262  1.00 0.00 ? 17 G A "C2'"  1 
ATOM 535 O "O2'"  . G A 1 17 ? 4.893   8.407   -4.484  1.00 0.00 ? 17 G A "O2'"  1 
ATOM 536 C "C1'"  . G A 1 17 ? 3.158   6.810   -4.892  1.00 0.00 ? 17 G A "C1'"  1 
ATOM 537 N N9     . G A 1 17 ? 2.418   5.757   -4.154  1.00 0.00 ? 17 G A N9     1 
ATOM 538 C C8     . G A 1 17 ? 2.171   4.452   -4.506  1.00 0.00 ? 17 G A C8     1 
ATOM 539 N N7     . G A 1 17 ? 1.443   3.793   -3.641  1.00 0.00 ? 17 G A N7     1 
ATOM 540 C C5     . G A 1 17 ? 1.203   4.728   -2.624  1.00 0.00 ? 17 G A C5     1 
ATOM 541 C C6     . G A 1 17 ? 0.473   4.638   -1.383  1.00 0.00 ? 17 G A C6     1 
ATOM 542 O O6     . G A 1 17 ? -0.155  3.688   -0.911  1.00 0.00 ? 17 G A O6     1 
ATOM 543 N N1     . G A 1 17 ? 0.516   5.798   -0.635  1.00 0.00 ? 17 G A N1     1 
ATOM 544 C C2     . G A 1 17 ? 1.150   6.928   -1.032  1.00 0.00 ? 17 G A C2     1 
ATOM 545 N N2     . G A 1 17 ? 1.151   7.938   -0.205  1.00 0.00 ? 17 G A N2     1 
ATOM 546 N N3     . G A 1 17 ? 1.822   7.064   -2.171  1.00 0.00 ? 17 G A N3     1 
ATOM 547 C C4     . G A 1 17 ? 1.813   5.927   -2.930  1.00 0.00 ? 17 G A C4     1 
ATOM 548 H "H5'"  . G A 1 17 ? 4.676   5.421   -8.421  1.00 0.00 ? 17 G A "H5'"  1 
ATOM 549 H "H5''" . G A 1 17 ? 6.183   5.078   -7.563  1.00 0.00 ? 17 G A "H5''" 1 
ATOM 550 H "H4'"  . G A 1 17 ? 5.182   7.197   -6.850  1.00 0.00 ? 17 G A "H4'"  1 
ATOM 551 H "H3'"  . G A 1 17 ? 5.202   5.037   -4.730  1.00 0.00 ? 17 G A "H3'"  1 
ATOM 552 H "H2'"  . G A 1 17 ? 4.542   6.799   -3.197  1.00 0.00 ? 17 G A "H2'"  1 
ATOM 553 H "HO2'" . G A 1 17 ? 5.867   8.480   -4.454  1.00 0.00 ? 17 G A "HO2'" 1 
ATOM 554 H "H1'"  . G A 1 17 ? 2.581   7.736   -4.836  1.00 0.00 ? 17 G A "H1'"  1 
ATOM 555 H H8     . G A 1 17 ? 2.542   4.019   -5.426  1.00 0.00 ? 17 G A H8     1 
ATOM 556 H H1     . G A 1 17 ? 0.016   5.800   0.241   1.00 0.00 ? 17 G A H1     1 
ATOM 557 H H21    . G A 1 17 ? 0.709   7.858   0.709   1.00 0.00 ? 17 G A H21    1 
ATOM 558 H H22    . G A 1 17 ? 1.631   8.777   -0.489  1.00 0.00 ? 17 G A H22    1 
ATOM 559 P P      . U A 1 18 ? 7.718   5.747   -3.838  1.00 0.00 ? 18 U A P      1 
ATOM 560 O OP1    . U A 1 18 ? 9.099   6.246   -4.058  1.00 0.00 ? 18 U A OP1    1 
ATOM 561 O OP2    . U A 1 18 ? 7.489   4.283   -3.800  1.00 0.00 ? 18 U A OP2    1 
ATOM 562 O "O5'"  . U A 1 18 ? 7.163   6.366   -2.459  1.00 0.00 ? 18 U A "O5'"  1 
ATOM 563 C "C5'"  . U A 1 18 ? 7.417   7.714   -2.090  1.00 0.00 ? 18 U A "C5'"  1 
ATOM 564 C "C4'"  . U A 1 18 ? 6.682   8.108   -0.801  1.00 0.00 ? 18 U A "C4'"  1 
ATOM 565 O "O4'"  . U A 1 18 ? 5.268   7.916   -0.897  1.00 0.00 ? 18 U A "O4'"  1 
ATOM 566 C "C3'"  . U A 1 18 ? 7.131   7.339   0.445   1.00 0.00 ? 18 U A "C3'"  1 
ATOM 567 O "O3'"  . U A 1 18 ? 8.361   7.781   1.009   1.00 0.00 ? 18 U A "O3'"  1 
ATOM 568 C "C2'"  . U A 1 18 ? 5.941   7.643   1.361   1.00 0.00 ? 18 U A "C2'"  1 
ATOM 569 O "O2'"  . U A 1 18 ? 5.966   8.976   1.880   1.00 0.00 ? 18 U A "O2'"  1 
ATOM 570 C "C1'"  . U A 1 18 ? 4.763   7.538   0.389   1.00 0.00 ? 18 U A "C1'"  1 
ATOM 571 N N1     . U A 1 18 ? 4.187   6.160   0.412   1.00 0.00 ? 18 U A N1     1 
ATOM 572 C C2     . U A 1 18 ? 3.340   5.826   1.479   1.00 0.00 ? 18 U A C2     1 
ATOM 573 O O2     . U A 1 18 ? 3.055   6.597   2.396   1.00 0.00 ? 18 U A O2     1 
ATOM 574 N N3     . U A 1 18 ? 2.809   4.555   1.484   1.00 0.00 ? 18 U A N3     1 
ATOM 575 C C4     . U A 1 18 ? 3.040   3.582   0.543   1.00 0.00 ? 18 U A C4     1 
ATOM 576 O O4     . U A 1 18 ? 2.506   2.484   0.660   1.00 0.00 ? 18 U A O4     1 
ATOM 577 C C5     . U A 1 18 ? 3.924   3.987   -0.527  1.00 0.00 ? 18 U A C5     1 
ATOM 578 C C6     . U A 1 18 ? 4.471   5.230   -0.568  1.00 0.00 ? 18 U A C6     1 
ATOM 579 H "H5'"  . U A 1 18 ? 7.098   8.384   -2.888  1.00 0.00 ? 18 U A "H5'"  1 
ATOM 580 H "H5''" . U A 1 18 ? 8.489   7.857   -1.937  1.00 0.00 ? 18 U A "H5''" 1 
ATOM 581 H "H4'"  . U A 1 18 ? 6.870   9.168   -0.618  1.00 0.00 ? 18 U A "H4'"  1 
ATOM 582 H "H3'"  . U A 1 18 ? 7.163   6.274   0.212   1.00 0.00 ? 18 U A "H3'"  1 
ATOM 583 H "H2'"  . U A 1 18 ? 5.871   6.908   2.162   1.00 0.00 ? 18 U A "H2'"  1 
ATOM 584 H "HO2'" . U A 1 18 ? 6.885   9.190   2.137   1.00 0.00 ? 18 U A "HO2'" 1 
ATOM 585 H "H1'"  . U A 1 18 ? 3.986   8.240   0.704   1.00 0.00 ? 18 U A "H1'"  1 
ATOM 586 H H3     . U A 1 18 ? 2.192   4.315   2.245   1.00 0.00 ? 18 U A H3     1 
ATOM 587 H H5     . U A 1 18 ? 4.149   3.274   -1.307  1.00 0.00 ? 18 U A H5     1 
ATOM 588 H H6     . U A 1 18 ? 5.132   5.497   -1.381  1.00 0.00 ? 18 U A H6     1 
ATOM 589 P P      . U A 1 19 ? 9.242   6.802   1.929   1.00 0.00 ? 19 U A P      1 
ATOM 590 O OP1    . U A 1 19 ? 10.392  7.586   2.444   1.00 0.00 ? 19 U A OP1    1 
ATOM 591 O OP2    . U A 1 19 ? 9.514   5.569   1.151   1.00 0.00 ? 19 U A OP2    1 
ATOM 592 O "O5'"  . U A 1 19 ? 8.298   6.399   3.169   1.00 0.00 ? 19 U A "O5'"  1 
ATOM 593 C "C5'"  . U A 1 19 ? 7.996   7.318   4.211   1.00 0.00 ? 19 U A "C5'"  1 
ATOM 594 C "C4'"  . U A 1 19 ? 6.959   6.758   5.197   1.00 0.00 ? 19 U A "C4'"  1 
ATOM 595 O "O4'"  . U A 1 19 ? 5.750   6.350   4.560   1.00 0.00 ? 19 U A "O4'"  1 
ATOM 596 C "C3'"  . U A 1 19 ? 7.450   5.562   6.015   1.00 0.00 ? 19 U A "C3'"  1 
ATOM 597 O "O3'"  . U A 1 19 ? 8.357   5.966   7.036   1.00 0.00 ? 19 U A "O3'"  1 
ATOM 598 C "C2'"  . U A 1 19 ? 6.096   5.024   6.503   1.00 0.00 ? 19 U A "C2'"  1 
ATOM 599 O "O2'"  . U A 1 19 ? 5.529   5.776   7.576   1.00 0.00 ? 19 U A "O2'"  1 
ATOM 600 C "C1'"  . U A 1 19 ? 5.210   5.232   5.265   1.00 0.00 ? 19 U A "C1'"  1 
ATOM 601 N N1     . U A 1 19 ? 5.142   4.000   4.417   1.00 0.00 ? 19 U A N1     1 
ATOM 602 C C2     . U A 1 19 ? 4.269   2.979   4.819   1.00 0.00 ? 19 U A C2     1 
ATOM 603 O O2     . U A 1 19 ? 3.612   3.021   5.860   1.00 0.00 ? 19 U A O2     1 
ATOM 604 N N3     . U A 1 19 ? 4.166   1.873   3.998   1.00 0.00 ? 19 U A N3     1 
ATOM 605 C C4     . U A 1 19 ? 4.899   1.653   2.856   1.00 0.00 ? 19 U A C4     1 
ATOM 606 O O4     . U A 1 19 ? 4.759   0.613   2.219   1.00 0.00 ? 19 U A O4     1 
ATOM 607 C C5     . U A 1 19 ? 5.803   2.729   2.514   1.00 0.00 ? 19 U A C5     1 
ATOM 608 C C6     . U A 1 19 ? 5.902   3.852   3.275   1.00 0.00 ? 19 U A C6     1 
ATOM 609 H "H5'"  . U A 1 19 ? 7.606   8.242   3.791   1.00 0.00 ? 19 U A "H5'"  1 
ATOM 610 H "H5''" . U A 1 19 ? 8.908   7.559   4.762   1.00 0.00 ? 19 U A "H5''" 1 
ATOM 611 H "H4'"  . U A 1 19 ? 6.713   7.551   5.906   1.00 0.00 ? 19 U A "H4'"  1 
ATOM 612 H "H3'"  . U A 1 19 ? 7.904   4.824   5.351   1.00 0.00 ? 19 U A "H3'"  1 
ATOM 613 H "H2'"  . U A 1 19 ? 6.161   3.971   6.767   1.00 0.00 ? 19 U A "H2'"  1 
ATOM 614 H "HO2'" . U A 1 19 ? 5.872   5.422   8.418   1.00 0.00 ? 19 U A "HO2'" 1 
ATOM 615 H "H1'"  . U A 1 19 ? 4.198   5.469   5.602   1.00 0.00 ? 19 U A "H1'"  1 
ATOM 616 H H3     . U A 1 19 ? 3.504   1.155   4.251   1.00 0.00 ? 19 U A H3     1 
ATOM 617 H H5     . U A 1 19 ? 6.406   2.621   1.624   1.00 0.00 ? 19 U A H5     1 
ATOM 618 H H6     . U A 1 19 ? 6.584   4.641   2.980   1.00 0.00 ? 19 U A H6     1 
ATOM 619 P P      . U A 1 20 ? 9.370   4.931   7.724   1.00 0.00 ? 20 U A P      1 
ATOM 620 O OP1    . U A 1 20 ? 10.312  5.710   8.566   1.00 0.00 ? 20 U A OP1    1 
ATOM 621 O OP2    . U A 1 20 ? 9.919   4.040   6.673   1.00 0.00 ? 20 U A OP2    1 
ATOM 622 O "O5'"  . U A 1 20 ? 8.439   4.047   8.682   1.00 0.00 ? 20 U A "O5'"  1 
ATOM 623 C "C5'"  . U A 1 20 ? 7.908   4.567   9.891   1.00 0.00 ? 20 U A "C5'"  1 
ATOM 624 C "C4'"  . U A 1 20 ? 6.860   3.615   10.480  1.00 0.00 ? 20 U A "C4'"  1 
ATOM 625 O "O4'"  . U A 1 20 ? 5.795   3.376   9.560   1.00 0.00 ? 20 U A "O4'"  1 
ATOM 626 C "C3'"  . U A 1 20 ? 7.412   2.240   10.863  1.00 0.00 ? 20 U A "C3'"  1 
ATOM 627 O "O3'"  . U A 1 20 ? 8.159   2.242   12.076  1.00 0.00 ? 20 U A "O3'"  1 
ATOM 628 C "C2'"  . U A 1 20 ? 6.093   1.455   10.934  1.00 0.00 ? 20 U A "C2'"  1 
ATOM 629 O "O2'"  . U A 1 20 ? 5.338   1.715   12.121  1.00 0.00 ? 20 U A "O2'"  1 
ATOM 630 C "C1'"  . U A 1 20 ? 5.324   2.040   9.742   1.00 0.00 ? 20 U A "C1'"  1 
ATOM 631 N N1     . U A 1 20 ? 5.493   1.200   8.517   1.00 0.00 ? 20 U A N1     1 
ATOM 632 C C2     . U A 1 20 ? 4.627   0.109   8.359   1.00 0.00 ? 20 U A C2     1 
ATOM 633 O O2     . U A 1 20 ? 3.804   -0.243  9.205   1.00 0.00 ? 20 U A O2     1 
ATOM 634 N N3     . U A 1 20 ? 4.719   -0.596  7.180   1.00 0.00 ? 20 U A N3     1 
ATOM 635 C C4     . U A 1 20 ? 5.597   -0.346  6.157   1.00 0.00 ? 20 U A C4     1 
ATOM 636 O O4     . U A 1 20 ? 5.555   -1.024  5.136   1.00 0.00 ? 20 U A O4     1 
ATOM 637 C C5     . U A 1 20 ? 6.510   0.744   6.410   1.00 0.00 ? 20 U A C5     1 
ATOM 638 C C6     . U A 1 20 ? 6.448   1.471   7.557   1.00 0.00 ? 20 U A C6     1 
ATOM 639 H "H5'"  . U A 1 20 ? 7.440   5.535   9.708   1.00 0.00 ? 20 U A "H5'"  1 
ATOM 640 H "H5''" . U A 1 20 ? 8.711   4.707   10.617  1.00 0.00 ? 20 U A "H5''" 1 
ATOM 641 H "H4'"  . U A 1 20 ? 6.445   4.070   11.382  1.00 0.00 ? 20 U A "H4'"  1 
ATOM 642 H "H3'"  . U A 1 20 ? 8.016   1.859   10.038  1.00 0.00 ? 20 U A "H3'"  1 
ATOM 643 H "H2'"  . U A 1 20 ? 6.271   0.387   10.811  1.00 0.00 ? 20 U A "H2'"  1 
ATOM 644 H "HO2'" . U A 1 20 ? 4.681   1.001   12.245  1.00 0.00 ? 20 U A "HO2'" 1 
ATOM 645 H "H1'"  . U A 1 20 ? 4.260   2.065   9.992   1.00 0.00 ? 20 U A "H1'"  1 
ATOM 646 H H3     . U A 1 20 ? 4.099   -1.383  7.064   1.00 0.00 ? 20 U A H3     1 
ATOM 647 H H5     . U A 1 20 ? 7.251   0.979   5.659   1.00 0.00 ? 20 U A H5     1 
ATOM 648 H H6     . U A 1 20 ? 7.145   2.287   7.706   1.00 0.00 ? 20 U A H6     1 
ATOM 649 P P      . C A 1 21 ? 9.167   1.045   12.433  1.00 0.00 ? 21 C A P      1 
ATOM 650 O OP1    . C A 1 21 ? 9.779   1.349   13.750  1.00 0.00 ? 21 C A OP1    1 
ATOM 651 O OP2    . C A 1 21 ? 10.060  0.836   11.267  1.00 0.00 ? 21 C A OP2    1 
ATOM 652 O "O5'"  . C A 1 21 ? 8.251   -0.268  12.586  1.00 0.00 ? 21 C A "O5'"  1 
ATOM 653 C "C5'"  . C A 1 21 ? 7.394   -0.449  13.703  1.00 0.00 ? 21 C A "C5'"  1 
ATOM 654 C "C4'"  . C A 1 21 ? 6.460   -1.656  13.521  1.00 0.00 ? 21 C A "C4'"  1 
ATOM 655 O "O4'"  . C A 1 21 ? 5.643   -1.546  12.355  1.00 0.00 ? 21 C A "O4'"  1 
ATOM 656 C "C3'"  . C A 1 21 ? 7.180   -3.003  13.412  1.00 0.00 ? 21 C A "C3'"  1 
ATOM 657 O "O3'"  . C A 1 21 ? 7.645   -3.506  14.660  1.00 0.00 ? 21 C A "O3'"  1 
ATOM 658 C "C2'"  . C A 1 21 ? 6.044   -3.841  12.810  1.00 0.00 ? 21 C A "C2'"  1 
ATOM 659 O "O2'"  . C A 1 21 ? 5.040   -4.181  13.767  1.00 0.00 ? 21 C A "O2'"  1 
ATOM 660 C "C1'"  . C A 1 21 ? 5.415   -2.852  11.823  1.00 0.00 ? 21 C A "C1'"  1 
ATOM 661 N N1     . C A 1 21 ? 5.982   -3.010  10.446  1.00 0.00 ? 21 C A N1     1 
ATOM 662 C C2     . C A 1 21 ? 5.423   -3.978  9.601   1.00 0.00 ? 21 C A C2     1 
ATOM 663 O O2     . C A 1 21 ? 4.534   -4.742  9.979   1.00 0.00 ? 21 C A O2     1 
ATOM 664 N N3     . C A 1 21 ? 5.845   -4.112  8.322   1.00 0.00 ? 21 C A N3     1 
ATOM 665 C C4     . C A 1 21 ? 6.801   -3.319  7.886   1.00 0.00 ? 21 C A C4     1 
ATOM 666 N N4     . C A 1 21 ? 7.147   -3.471  6.640   1.00 0.00 ? 21 C A N4     1 
ATOM 667 C C5     . C A 1 21 ? 7.441   -2.347  8.700   1.00 0.00 ? 21 C A C5     1 
ATOM 668 C C6     . C A 1 21 ? 7.012   -2.227  9.982   1.00 0.00 ? 21 C A C6     1 
ATOM 669 H "H5'"  . C A 1 21 ? 6.783   0.442   13.851  1.00 0.00 ? 21 C A "H5'"  1 
ATOM 670 H "H5''" . C A 1 21 ? 7.992   -0.600  14.603  1.00 0.00 ? 21 C A "H5''" 1 
ATOM 671 H "H4'"  . C A 1 21 ? 5.803   -1.705  14.392  1.00 0.00 ? 21 C A "H4'"  1 
ATOM 672 H "H3'"  . C A 1 21 ? 7.996   -2.913  12.691  1.00 0.00 ? 21 C A "H3'"  1 
ATOM 673 H "H2'"  . C A 1 21 ? 6.425   -4.731  12.310  1.00 0.00 ? 21 C A "H2'"  1 
ATOM 674 H "HO2'" . C A 1 21 ? 5.482   -4.488  14.581  1.00 0.00 ? 21 C A "HO2'" 1 
ATOM 675 H "H1'"  . C A 1 21 ? 4.339   -3.049  11.780  1.00 0.00 ? 21 C A "H1'"  1 
ATOM 676 H H41    . C A 1 21 ? 6.663   -4.175  6.096   1.00 0.00 ? 21 C A H41    1 
ATOM 677 H H42    . C A 1 21 ? 7.846   -2.874  6.235   1.00 0.00 ? 21 C A H42    1 
ATOM 678 H H5     . C A 1 21 ? 8.240   -1.718  8.337   1.00 0.00 ? 21 C A H5     1 
ATOM 679 H H6     . C A 1 21 ? 7.477   -1.506  10.640  1.00 0.00 ? 21 C A H6     1 
ATOM 680 P P      . C A 1 22 ? 8.824   -4.594  14.726  1.00 0.00 ? 22 C A P      1 
ATOM 681 O OP1    . C A 1 22 ? 9.094   -4.880  16.157  1.00 0.00 ? 22 C A OP1    1 
ATOM 682 O OP2    . C A 1 22 ? 9.941   -4.117  13.874  1.00 0.00 ? 22 C A OP2    1 
ATOM 683 O "O5'"  . C A 1 22 ? 8.215   -5.916  14.043  1.00 0.00 ? 22 C A "O5'"  1 
ATOM 684 C "C5'"  . C A 1 22 ? 7.265   -6.731  14.714  1.00 0.00 ? 22 C A "C5'"  1 
ATOM 685 C "C4'"  . C A 1 22 ? 6.714   -7.840  13.805  1.00 0.00 ? 22 C A "C4'"  1 
ATOM 686 O "O4'"  . C A 1 22 ? 6.102   -7.330  12.619  1.00 0.00 ? 22 C A "O4'"  1 
ATOM 687 C "C3'"  . C A 1 22 ? 7.768   -8.849  13.344  1.00 0.00 ? 22 C A "C3'"  1 
ATOM 688 O "O3'"  . C A 1 22 ? 8.125   -9.789  14.350  1.00 0.00 ? 22 C A "O3'"  1 
ATOM 689 C "C2'"  . C A 1 22 ? 7.010   -9.481  12.168  1.00 0.00 ? 22 C A "C2'"  1 
ATOM 690 O "O2'"  . C A 1 22 ? 5.991   -10.388 12.590  1.00 0.00 ? 22 C A "O2'"  1 
ATOM 691 C "C1'"  . C A 1 22 ? 6.314   -8.260  11.554  1.00 0.00 ? 22 C A "C1'"  1 
ATOM 692 N N1     . C A 1 22 ? 7.118   -7.665  10.441  1.00 0.00 ? 22 C A N1     1 
ATOM 693 C C2     . C A 1 22 ? 7.010   -8.236  9.166   1.00 0.00 ? 22 C A C2     1 
ATOM 694 O O2     . C A 1 22 ? 6.351   -9.254  8.957   1.00 0.00 ? 22 C A O2     1 
ATOM 695 N N3     . C A 1 22 ? 7.642   -7.686  8.103   1.00 0.00 ? 22 C A N3     1 
ATOM 696 C C4     . C A 1 22 ? 8.384   -6.614  8.295   1.00 0.00 ? 22 C A C4     1 
ATOM 697 N N4     . C A 1 22 ? 8.972   -6.133  7.239   1.00 0.00 ? 22 C A N4     1 
ATOM 698 C C5     . C A 1 22 ? 8.579   -6.016  9.569   1.00 0.00 ? 22 C A C5     1 
ATOM 699 C C6     . C A 1 22 ? 7.934   -6.574  10.624  1.00 0.00 ? 22 C A C6     1 
ATOM 700 H "H5'"  . C A 1 22 ? 6.431   -6.124  15.063  1.00 0.00 ? 22 C A "H5'"  1 
ATOM 701 H "H5''" . C A 1 22 ? 7.732   -7.195  15.585  1.00 0.00 ? 22 C A "H5''" 1 
ATOM 702 H "H4'"  . C A 1 22 ? 5.957   -8.390  14.367  1.00 0.00 ? 22 C A "H4'"  1 
ATOM 703 H "H3'"  . C A 1 22 ? 8.641   -8.309  12.973  1.00 0.00 ? 22 C A "H3'"  1 
ATOM 704 H "H2'"  . C A 1 22 ? 7.692   -9.962  11.465  1.00 0.00 ? 22 C A "H2'"  1 
ATOM 705 H "HO2'" . C A 1 22 ? 6.359   -10.962 13.289  1.00 0.00 ? 22 C A "HO2'" 1 
ATOM 706 H "H1'"  . C A 1 22 ? 5.350   -8.582  11.148  1.00 0.00 ? 22 C A "H1'"  1 
ATOM 707 H H41    . C A 1 22 ? 8.810   -6.598  6.353   1.00 0.00 ? 22 C A H41    1 
ATOM 708 H H42    . C A 1 22 ? 9.534   -5.304  7.311   1.00 0.00 ? 22 C A H42    1 
ATOM 709 H H5     . C A 1 22 ? 9.210   -5.154  9.716   1.00 0.00 ? 22 C A H5     1 
ATOM 710 H H6     . C A 1 22 ? 8.055   -6.153  11.613  1.00 0.00 ? 22 C A H6     1 
ATOM 711 P P      . C A 1 23 ? 9.532   -10.558 14.300  1.00 0.00 ? 23 C A P      1 
ATOM 712 O OP1    . C A 1 23 ? 9.611   -11.432 15.497  1.00 0.00 ? 23 C A OP1    1 
ATOM 713 O OP2    . C A 1 23 ? 10.602  -9.556  14.078  1.00 0.00 ? 23 C A OP2    1 
ATOM 714 O "O5'"  . C A 1 23 ? 9.451   -11.487 12.990  1.00 0.00 ? 23 C A "O5'"  1 
ATOM 715 C "C5'"  . C A 1 23 ? 8.691   -12.688 12.971  1.00 0.00 ? 23 C A "C5'"  1 
ATOM 716 C "C4'"  . C A 1 23 ? 8.729   -13.363 11.592  1.00 0.00 ? 23 C A "C4'"  1 
ATOM 717 O "O4'"  . C A 1 23 ? 8.160   -12.544 10.571  1.00 0.00 ? 23 C A "O4'"  1 
ATOM 718 C "C3'"  . C A 1 23 ? 10.141  -13.725 11.122  1.00 0.00 ? 23 C A "C3'"  1 
ATOM 719 O "O3'"  . C A 1 23 ? 10.667  -14.906 11.731  1.00 0.00 ? 23 C A "O3'"  1 
ATOM 720 C "C2'"  . C A 1 23 ? 9.893   -13.888 9.615   1.00 0.00 ? 23 C A "C2'"  1 
ATOM 721 O "O2'"  . C A 1 23 ? 9.324   -15.154 9.277   1.00 0.00 ? 23 C A "O2'"  1 
ATOM 722 C "C1'"  . C A 1 23 ? 8.845   -12.797 9.343   1.00 0.00 ? 23 C A "C1'"  1 
ATOM 723 N N1     . C A 1 23 ? 9.489   -11.561 8.804   1.00 0.00 ? 23 C A N1     1 
ATOM 724 C C2     . C A 1 23 ? 9.726   -11.485 7.425   1.00 0.00 ? 23 C A C2     1 
ATOM 725 O O2     . C A 1 23 ? 9.409   -12.392 6.653   1.00 0.00 ? 23 C A O2     1 
ATOM 726 N N3     . C A 1 23 ? 10.342  -10.408 6.884   1.00 0.00 ? 23 C A N3     1 
ATOM 727 C C4     . C A 1 23 ? 10.721  -9.431  7.682   1.00 0.00 ? 23 C A C4     1 
ATOM 728 N N4     . C A 1 23 ? 11.340  -8.440  7.107   1.00 0.00 ? 23 C A N4     1 
ATOM 729 C C5     . C A 1 23 ? 10.529  -9.451  9.091   1.00 0.00 ? 23 C A C5     1 
ATOM 730 C C6     . C A 1 23 ? 9.914   -10.539 9.620   1.00 0.00 ? 23 C A C6     1 
ATOM 731 H "H5'"  . C A 1 23 ? 7.654   -12.483 13.232  1.00 0.00 ? 23 C A "H5'"  1 
ATOM 732 H "H5''" . C A 1 23 ? 9.096   -13.387 13.707  1.00 0.00 ? 23 C A "H5''" 1 
ATOM 733 H "H4'"  . C A 1 23 ? 8.152   -14.287 11.649  1.00 0.00 ? 23 C A "H4'"  1 
ATOM 734 H "H3'"  . C A 1 23 ? 10.814  -12.879 11.286  1.00 0.00 ? 23 C A "H3'"  1 
ATOM 735 H "HO3'" . C A 1 23 ? 11.579  -15.046 11.399  1.00 0.00 ? 23 C A "HO3'" 1 
ATOM 736 H "H2'"  . C A 1 23 ? 10.812  -13.714 9.050   1.00 0.00 ? 23 C A "H2'"  1 
ATOM 737 H "HO2'" . C A 1 23 ? 9.884   -15.858 9.666   1.00 0.00 ? 23 C A "HO2'" 1 
ATOM 738 H "H1'"  . C A 1 23 ? 8.137   -13.176 8.599   1.00 0.00 ? 23 C A "H1'"  1 
ATOM 739 H H41    . C A 1 23 ? 11.455  -8.477  6.100   1.00 0.00 ? 23 C A H41    1 
ATOM 740 H H42    . C A 1 23 ? 11.653  -7.658  7.653   1.00 0.00 ? 23 C A H42    1 
ATOM 741 H H5     . C A 1 23 ? 10.862  -8.651  9.734   1.00 0.00 ? 23 C A H5     1 
ATOM 742 H H6     . C A 1 23 ? 9.759   -10.606 10.688  1.00 0.00 ? 23 C A H6     1 
# 
